data_3H68
#
_entry.id   3H68
#
_cell.length_a   154.175
_cell.length_b   41.721
_cell.length_c   105.172
_cell.angle_alpha   90.00
_cell.angle_beta   97.24
_cell.angle_gamma   90.00
#
_symmetry.space_group_name_H-M   'C 1 2 1'
#
loop_
_entity.id
_entity.type
_entity.pdbx_description
1 polymer 'Serine/threonine-protein phosphatase 5'
2 non-polymer 'ZINC ION'
3 non-polymer '(1R,2S,3R,4S)-2,3-dimethyl-7-oxabicyclo[2.2.1]heptane-2,3-dicarboxylic acid'
4 water water
#
_entity_poly.entity_id   1
_entity_poly.type   'polypeptide(L)'
_entity_poly.pdbx_seq_one_letter_code
;YSGPKLEDGKVTISFMKELMQWYKDQKKLHRKCAYQILVQVKEVLSKLSTLVETTLKETEKITVCGDTHGQFYDLLNIFE
LNGLPSETNPYIFNGDFVDRGSFSVEVILTLFGFKLLYPDHFHLLRGNHETDNMNQIYGFEGEVKAKYTAQMYELFSEVF
EWLPLAQCINGKVLIMHGGLFSEDGVTLDDIRKIERNRQPPDSGPMCDLLWSDPQPQNGRSISKRGVSCQFGPDVTKAFL
EENNLDYIIRSHEVKAEGYEVAHGGRCVTVFSAPNYCDQMGNKASYIHLQGSDLRPQFHQFTAVPHPNVKPMAYA
;
_entity_poly.pdbx_strand_id   A,D
#
loop_
_chem_comp.id
_chem_comp.type
_chem_comp.name
_chem_comp.formula
NHC non-polymer '(1R,2S,3R,4S)-2,3-dimethyl-7-oxabicyclo[2.2.1]heptane-2,3-dicarboxylic acid' 'C10 H14 O5'
ZN non-polymer 'ZINC ION' 'Zn 2'
#
# COMPACT_ATOMS: atom_id res chain seq x y z
N TYR A 1 -31.95 25.97 2.90
CA TYR A 1 -30.46 26.03 2.91
C TYR A 1 -29.95 27.26 3.63
N SER A 2 -29.18 27.04 4.69
CA SER A 2 -28.70 28.13 5.51
C SER A 2 -27.18 28.28 5.46
N GLY A 3 -26.55 27.59 4.51
CA GLY A 3 -25.09 27.60 4.39
C GLY A 3 -24.50 28.78 3.63
N PRO A 4 -23.18 28.70 3.36
CA PRO A 4 -22.40 29.75 2.69
C PRO A 4 -23.02 30.09 1.32
N LYS A 5 -23.12 31.38 1.02
CA LYS A 5 -23.58 31.84 -0.30
C LYS A 5 -22.61 32.89 -0.85
N LEU A 6 -22.41 32.89 -2.16
CA LEU A 6 -21.53 33.89 -2.76
C LEU A 6 -22.19 35.28 -2.65
N GLU A 7 -21.36 36.31 -2.61
CA GLU A 7 -21.89 37.68 -2.59
C GLU A 7 -21.81 38.29 -3.98
N ASP A 8 -22.97 38.63 -4.52
CA ASP A 8 -23.07 39.10 -5.88
C ASP A 8 -22.34 38.13 -6.80
N GLY A 9 -22.58 36.86 -6.53
CA GLY A 9 -22.08 35.76 -7.36
C GLY A 9 -20.59 35.55 -7.33
N LYS A 10 -19.89 36.15 -6.38
CA LYS A 10 -18.44 36.00 -6.28
C LYS A 10 -17.95 35.63 -4.89
N VAL A 11 -16.79 34.97 -4.87
CA VAL A 11 -16.16 34.58 -3.61
C VAL A 11 -15.60 35.81 -2.85
N THR A 12 -15.71 35.79 -1.52
CA THR A 12 -15.18 36.86 -0.68
C THR A 12 -14.49 36.17 0.50
N ILE A 13 -13.71 36.91 1.27
CA ILE A 13 -13.06 36.27 2.42
C ILE A 13 -14.09 35.79 3.47
N SER A 14 -15.17 36.55 3.63
CA SER A 14 -16.20 36.14 4.56
C SER A 14 -16.84 34.83 4.11
N PHE A 15 -17.09 34.69 2.79
CA PHE A 15 -17.58 33.39 2.29
C PHE A 15 -16.60 32.27 2.56
N MET A 16 -15.31 32.50 2.32
CA MET A 16 -14.34 31.42 2.55
C MET A 16 -14.31 30.98 4.02
N LYS A 17 -14.43 31.95 4.92
CA LYS A 17 -14.42 31.62 6.34
C LYS A 17 -15.66 30.79 6.69
N GLU A 18 -16.80 31.21 6.17
CA GLU A 18 -18.04 30.47 6.41
C GLU A 18 -17.95 29.06 5.83
N LEU A 19 -17.35 28.93 4.65
CA LEU A 19 -17.20 27.65 3.98
C LEU A 19 -16.32 26.68 4.79
N MET A 20 -15.18 27.16 5.25
CA MET A 20 -14.29 26.30 6.04
C MET A 20 -14.99 25.77 7.28
N GLN A 21 -15.77 26.64 7.95
CA GLN A 21 -16.49 26.19 9.13
C GLN A 21 -17.61 25.19 8.76
N TRP A 22 -18.35 25.48 7.70
CA TRP A 22 -19.43 24.62 7.21
C TRP A 22 -18.86 23.25 6.95
N TYR A 23 -17.71 23.23 6.25
CA TYR A 23 -17.05 21.97 5.96
C TYR A 23 -16.48 21.26 7.21
N LYS A 24 -15.89 22.03 8.13
CA LYS A 24 -15.37 21.43 9.36
C LYS A 24 -16.49 20.64 10.01
N ASP A 25 -17.68 21.25 9.97
CA ASP A 25 -18.87 20.65 10.62
C ASP A 25 -19.55 19.57 9.78
N GLN A 26 -18.91 19.19 8.69
CA GLN A 26 -19.36 18.12 7.82
C GLN A 26 -20.63 18.45 7.02
N LYS A 27 -20.82 19.73 6.71
CA LYS A 27 -21.94 20.14 5.87
C LYS A 27 -21.54 20.35 4.40
N LYS A 28 -22.55 20.46 3.53
CA LYS A 28 -22.35 20.44 2.08
C LYS A 28 -22.69 21.80 1.48
N LEU A 29 -21.80 22.31 0.64
CA LEU A 29 -22.07 23.52 -0.07
C LEU A 29 -23.20 23.30 -1.09
N HIS A 30 -24.16 24.21 -1.12
CA HIS A 30 -25.20 24.05 -2.12
C HIS A 30 -24.61 23.82 -3.53
N ARG A 31 -25.19 22.84 -4.21
CA ARG A 31 -24.81 22.48 -5.57
C ARG A 31 -24.71 23.72 -6.49
N LYS A 32 -25.57 24.72 -6.27
CA LYS A 32 -25.54 25.89 -7.12
C LYS A 32 -24.30 26.75 -6.89
N CYS A 33 -23.87 26.84 -5.64
CA CYS A 33 -22.65 27.58 -5.27
C CYS A 33 -21.42 26.80 -5.77
N ALA A 34 -21.43 25.48 -5.59
CA ALA A 34 -20.32 24.64 -6.10
C ALA A 34 -20.19 24.77 -7.61
N TYR A 35 -21.34 24.73 -8.29
CA TYR A 35 -21.33 24.97 -9.73
C TYR A 35 -20.71 26.34 -10.06
N GLN A 36 -21.15 27.40 -9.39
CA GLN A 36 -20.64 28.73 -9.71
C GLN A 36 -19.10 28.81 -9.54
N ILE A 37 -18.61 28.20 -8.47
CA ILE A 37 -17.17 28.22 -8.26
C ILE A 37 -16.48 27.43 -9.40
N LEU A 38 -17.00 26.25 -9.73
CA LEU A 38 -16.37 25.50 -10.82
C LEU A 38 -16.31 26.24 -12.14
N VAL A 39 -17.44 26.83 -12.57
CA VAL A 39 -17.44 27.58 -13.84
C VAL A 39 -16.50 28.79 -13.81
N GLN A 40 -16.49 29.51 -12.70
CA GLN A 40 -15.62 30.66 -12.58
C GLN A 40 -14.12 30.28 -12.51
N VAL A 41 -13.80 29.23 -11.78
CA VAL A 41 -12.37 28.89 -11.70
C VAL A 41 -11.85 28.29 -13.03
N LYS A 42 -12.77 27.69 -13.79
CA LYS A 42 -12.38 27.12 -15.11
C LYS A 42 -11.94 28.28 -15.98
N GLU A 43 -12.71 29.37 -15.91
CA GLU A 43 -12.38 30.54 -16.72
C GLU A 43 -11.04 31.10 -16.34
N VAL A 44 -10.81 31.23 -15.03
CA VAL A 44 -9.54 31.74 -14.56
C VAL A 44 -8.39 30.84 -14.99
N LEU A 45 -8.55 29.56 -14.75
CA LEU A 45 -7.44 28.63 -15.05
C LEU A 45 -7.16 28.59 -16.57
N SER A 46 -8.20 28.68 -17.38
CA SER A 46 -8.03 28.45 -18.83
C SER A 46 -7.22 29.57 -19.47
N LYS A 47 -7.04 30.65 -18.71
CA LYS A 47 -6.31 31.82 -19.21
C LYS A 47 -4.81 31.74 -18.90
N LEU A 48 -4.43 30.78 -18.06
CA LEU A 48 -3.07 30.70 -17.52
C LEU A 48 -2.19 29.95 -18.50
N SER A 49 -0.90 30.29 -18.54
CA SER A 49 0.07 29.46 -19.24
C SER A 49 0.18 28.08 -18.54
N THR A 50 0.57 27.09 -19.33
CA THR A 50 0.94 25.82 -18.76
C THR A 50 2.07 25.91 -17.74
N LEU A 51 2.99 26.87 -17.98
CA LEU A 51 4.07 27.21 -17.05
C LEU A 51 3.73 28.56 -16.42
N VAL A 52 3.34 28.58 -15.13
CA VAL A 52 3.02 29.84 -14.44
C VAL A 52 4.36 30.44 -14.06
N GLU A 53 4.59 31.70 -14.37
CA GLU A 53 5.86 32.34 -14.05
C GLU A 53 5.62 33.48 -13.05
N THR A 54 6.21 33.35 -11.85
CA THR A 54 5.91 34.21 -10.72
C THR A 54 7.20 34.90 -10.27
N THR A 55 7.12 36.21 -10.00
CA THR A 55 8.24 36.93 -9.44
C THR A 55 7.94 37.23 -7.97
N LEU A 56 8.92 36.96 -7.13
CA LEU A 56 8.80 37.23 -5.71
C LEU A 56 9.76 38.39 -5.45
N LYS A 57 9.23 39.52 -4.98
CA LYS A 57 10.11 40.64 -4.68
C LYS A 57 10.87 40.34 -3.40
N GLU A 58 11.91 41.12 -3.11
CA GLU A 58 12.77 40.70 -2.02
C GLU A 58 12.09 40.68 -0.63
N THR A 59 10.99 41.39 -0.47
CA THR A 59 10.26 41.40 0.79
C THR A 59 9.17 40.32 0.88
N GLU A 60 8.96 39.61 -0.23
CA GLU A 60 7.83 38.67 -0.36
C GLU A 60 8.19 37.23 -0.07
N LYS A 61 7.19 36.46 0.36
CA LYS A 61 7.40 35.08 0.66
C LYS A 61 6.32 34.29 -0.07
N ILE A 62 6.50 32.98 -0.14
CA ILE A 62 5.50 32.10 -0.70
C ILE A 62 5.62 30.78 0.04
N THR A 63 4.50 30.10 0.20
CA THR A 63 4.45 28.79 0.86
C THR A 63 4.10 27.71 -0.21
N VAL A 64 4.88 26.65 -0.25
CA VAL A 64 4.69 25.55 -1.19
C VAL A 64 4.30 24.30 -0.40
N CYS A 65 3.11 23.77 -0.70
CA CYS A 65 2.63 22.52 -0.13
C CYS A 65 2.57 21.43 -1.20
N GLY A 66 2.75 20.18 -0.76
CA GLY A 66 2.69 19.04 -1.70
C GLY A 66 1.31 18.43 -1.59
N ASP A 67 1.25 17.10 -1.72
CA ASP A 67 -0.01 16.39 -1.87
C ASP A 67 -0.82 16.63 -0.59
N THR A 68 -2.16 16.74 -0.76
CA THR A 68 -3.08 16.86 0.39
C THR A 68 -4.12 15.70 0.45
N HIS A 69 -4.43 15.15 -0.72
CA HIS A 69 -5.26 13.98 -0.86
C HIS A 69 -6.48 13.96 0.03
N GLY A 70 -7.27 15.02 -0.07
CA GLY A 70 -8.62 14.98 0.54
C GLY A 70 -8.58 14.99 2.06
N GLN A 71 -7.42 15.35 2.64
CA GLN A 71 -7.28 15.43 4.11
C GLN A 71 -7.64 16.84 4.60
N PHE A 72 -8.92 17.17 4.47
CA PHE A 72 -9.43 18.52 4.72
C PHE A 72 -9.03 19.09 6.10
N TYR A 73 -9.06 18.22 7.11
CA TYR A 73 -8.80 18.69 8.49
C TYR A 73 -7.33 19.05 8.66
N ASP A 74 -6.46 18.35 7.94
CA ASP A 74 -5.05 18.71 7.89
C ASP A 74 -4.85 19.97 7.05
N LEU A 75 -5.66 20.15 6.00
CA LEU A 75 -5.60 21.42 5.25
C LEU A 75 -5.90 22.57 6.21
N LEU A 76 -6.95 22.43 7.02
CA LEU A 76 -7.31 23.52 7.95
C LEU A 76 -6.12 23.81 8.86
N ASN A 77 -5.47 22.74 9.29
CA ASN A 77 -4.33 22.84 10.18
C ASN A 77 -3.18 23.60 9.52
N ILE A 78 -2.88 23.29 8.26
CA ILE A 78 -1.89 24.16 7.53
C ILE A 78 -2.25 25.65 7.60
N PHE A 79 -3.52 26.01 7.33
CA PHE A 79 -3.92 27.43 7.40
C PHE A 79 -3.84 28.02 8.82
N GLU A 80 -4.09 27.21 9.82
CA GLU A 80 -3.91 27.68 11.20
C GLU A 80 -2.48 27.86 11.59
N LEU A 81 -1.63 26.94 11.12
CA LEU A 81 -0.21 27.05 11.45
C LEU A 81 0.47 28.19 10.71
N ASN A 82 0.07 28.41 9.45
CA ASN A 82 0.83 29.22 8.53
C ASN A 82 0.09 30.47 8.08
N GLY A 83 -1.14 30.60 8.56
CA GLY A 83 -2.00 31.71 8.21
C GLY A 83 -2.90 31.48 6.99
N LEU A 84 -4.04 32.17 6.92
CA LEU A 84 -4.83 32.08 5.69
C LEU A 84 -4.09 32.65 4.46
N PRO A 85 -4.40 32.10 3.28
CA PRO A 85 -3.87 32.66 2.07
C PRO A 85 -4.30 34.13 2.03
N SER A 86 -3.48 34.97 1.40
CA SER A 86 -3.77 36.38 1.22
C SER A 86 -2.77 36.94 0.22
N GLU A 87 -2.95 38.21 -0.18
CA GLU A 87 -1.97 38.84 -1.08
C GLU A 87 -0.59 38.92 -0.45
N THR A 88 -0.52 38.78 0.86
CA THR A 88 0.79 38.84 1.53
C THR A 88 1.20 37.46 2.04
N ASN A 89 0.32 36.47 1.88
CA ASN A 89 0.66 35.12 2.31
C ASN A 89 0.28 34.15 1.19
N PRO A 90 1.04 34.16 0.10
CA PRO A 90 0.67 33.36 -1.10
C PRO A 90 1.00 31.88 -0.89
N TYR A 91 0.24 31.05 -1.59
CA TYR A 91 0.42 29.61 -1.50
C TYR A 91 0.55 29.02 -2.91
N ILE A 92 1.28 27.92 -2.98
CA ILE A 92 1.28 27.01 -4.13
C ILE A 92 0.94 25.63 -3.60
N PHE A 93 -0.15 25.05 -4.09
CA PHE A 93 -0.42 23.63 -3.78
C PHE A 93 -0.08 22.78 -5.00
N ASN A 94 0.83 21.84 -4.78
CA ASN A 94 1.53 21.12 -5.86
C ASN A 94 0.86 19.80 -6.21
N GLY A 95 -0.41 19.86 -6.58
CA GLY A 95 -1.07 18.65 -7.11
C GLY A 95 -1.63 17.71 -6.08
N ASP A 96 -2.40 16.75 -6.58
CA ASP A 96 -2.92 15.65 -5.75
C ASP A 96 -3.70 16.19 -4.54
N PHE A 97 -4.74 16.96 -4.86
CA PHE A 97 -5.66 17.57 -3.86
C PHE A 97 -6.72 16.56 -3.44
N VAL A 98 -7.03 15.62 -4.36
CA VAL A 98 -8.15 14.71 -4.21
C VAL A 98 -7.68 13.27 -4.30
N ASP A 99 -8.63 12.37 -4.04
CA ASP A 99 -8.41 10.91 -3.99
C ASP A 99 -7.74 10.47 -2.67
N ARG A 100 -7.99 9.19 -2.33
CA ARG A 100 -7.44 8.57 -1.12
C ARG A 100 -8.13 9.08 0.16
N GLY A 101 -8.01 10.39 0.43
CA GLY A 101 -8.70 10.98 1.58
C GLY A 101 -10.17 11.13 1.29
N SER A 102 -10.99 11.12 2.34
CA SER A 102 -12.43 11.03 2.17
C SER A 102 -13.14 12.37 2.39
N PHE A 103 -12.35 13.44 2.37
CA PHE A 103 -12.89 14.84 2.31
C PHE A 103 -12.29 15.57 1.11
N SER A 104 -12.23 14.85 -0.01
CA SER A 104 -11.73 15.43 -1.25
C SER A 104 -12.61 16.56 -1.77
N VAL A 105 -13.93 16.42 -1.66
CA VAL A 105 -14.77 17.51 -2.13
C VAL A 105 -14.52 18.83 -1.35
N GLU A 106 -14.31 18.69 -0.05
CA GLU A 106 -14.07 19.83 0.84
C GLU A 106 -12.71 20.49 0.56
N VAL A 107 -11.68 19.67 0.38
CA VAL A 107 -10.37 20.20 -0.03
C VAL A 107 -10.46 20.96 -1.34
N ILE A 108 -10.99 20.34 -2.40
CA ILE A 108 -10.94 20.96 -3.72
C ILE A 108 -11.78 22.23 -3.82
N LEU A 109 -12.96 22.25 -3.22
CA LEU A 109 -13.80 23.48 -3.30
C LEU A 109 -13.21 24.62 -2.44
N THR A 110 -12.54 24.24 -1.36
CA THR A 110 -11.82 25.21 -0.52
C THR A 110 -10.66 25.77 -1.33
N LEU A 111 -9.86 24.89 -1.92
CA LEU A 111 -8.75 25.39 -2.79
C LEU A 111 -9.24 26.25 -3.96
N PHE A 112 -10.28 25.79 -4.65
CA PHE A 112 -10.85 26.58 -5.76
C PHE A 112 -11.36 27.96 -5.30
N GLY A 113 -12.07 27.98 -4.19
CA GLY A 113 -12.52 29.22 -3.56
C GLY A 113 -11.37 30.18 -3.38
N PHE A 114 -10.26 29.73 -2.81
CA PHE A 114 -9.14 30.65 -2.60
C PHE A 114 -8.45 31.08 -3.91
N LYS A 115 -8.50 30.22 -4.92
CA LYS A 115 -7.89 30.54 -6.22
C LYS A 115 -8.67 31.72 -6.80
N LEU A 116 -10.00 31.60 -6.65
CA LEU A 116 -10.90 32.67 -7.10
C LEU A 116 -10.67 33.99 -6.32
N LEU A 117 -10.43 33.87 -5.02
CA LEU A 117 -10.33 35.04 -4.14
C LEU A 117 -8.99 35.77 -4.32
N TYR A 118 -7.92 35.00 -4.49
CA TYR A 118 -6.58 35.55 -4.63
C TYR A 118 -5.90 34.98 -5.88
N PRO A 119 -6.42 35.28 -7.06
CA PRO A 119 -5.97 34.59 -8.27
C PRO A 119 -4.49 34.77 -8.51
N ASP A 120 -3.91 35.89 -8.09
CA ASP A 120 -2.50 36.13 -8.37
C ASP A 120 -1.57 35.65 -7.25
N HIS A 121 -2.16 35.18 -6.16
CA HIS A 121 -1.38 34.80 -4.96
C HIS A 121 -1.74 33.40 -4.41
N PHE A 122 -2.56 32.68 -5.17
CA PHE A 122 -2.93 31.36 -4.76
C PHE A 122 -2.95 30.47 -5.97
N HIS A 123 -2.03 29.48 -5.94
CA HIS A 123 -1.61 28.78 -7.14
C HIS A 123 -1.86 27.29 -7.00
N LEU A 124 -2.48 26.70 -8.04
CA LEU A 124 -2.77 25.28 -8.01
C LEU A 124 -2.12 24.71 -9.26
N LEU A 125 -1.29 23.70 -9.03
CA LEU A 125 -0.70 22.89 -10.12
C LEU A 125 -1.34 21.49 -10.16
N ARG A 126 -1.47 20.96 -11.37
CA ARG A 126 -2.06 19.65 -11.53
C ARG A 126 -1.16 18.54 -10.99
N GLY A 127 -1.78 17.53 -10.38
CA GLY A 127 -1.11 16.30 -9.97
C GLY A 127 -1.61 15.11 -10.81
N ASN A 128 -1.05 13.92 -10.58
CA ASN A 128 -1.47 12.76 -11.37
C ASN A 128 -2.87 12.33 -10.98
N HIS A 129 -3.32 12.77 -9.80
CA HIS A 129 -4.71 12.47 -9.37
C HIS A 129 -5.78 13.47 -9.89
N GLU A 130 -5.39 14.61 -10.47
CA GLU A 130 -6.38 15.50 -11.06
C GLU A 130 -6.70 15.02 -12.50
N THR A 131 -7.08 13.75 -12.61
CA THR A 131 -7.30 13.12 -13.89
C THR A 131 -8.42 12.10 -13.76
N ASP A 132 -9.06 11.75 -14.86
CA ASP A 132 -10.25 10.87 -14.83
C ASP A 132 -9.96 9.43 -14.38
N ASN A 133 -8.99 8.81 -15.04
CA ASN A 133 -8.56 7.44 -14.72
C ASN A 133 -8.41 7.26 -13.25
N MET A 134 -7.70 8.21 -12.66
CA MET A 134 -7.35 8.10 -11.28
C MET A 134 -8.58 8.32 -10.41
N ASN A 135 -9.39 9.33 -10.73
CA ASN A 135 -10.54 9.64 -9.87
C ASN A 135 -11.56 8.51 -9.88
N GLN A 136 -11.62 7.78 -10.99
CA GLN A 136 -12.64 6.76 -11.13
C GLN A 136 -12.38 5.62 -10.14
N ILE A 137 -11.11 5.44 -9.82
CA ILE A 137 -10.58 4.36 -8.99
C ILE A 137 -10.38 4.72 -7.51
N TYR A 138 -9.79 5.89 -7.27
CA TYR A 138 -9.25 6.23 -5.93
C TYR A 138 -10.13 7.14 -5.04
N GLY A 139 -11.39 7.33 -5.44
CA GLY A 139 -12.40 7.83 -4.51
C GLY A 139 -13.08 9.12 -4.91
N PHE A 140 -12.38 9.99 -5.64
CA PHE A 140 -12.94 11.31 -5.90
C PHE A 140 -14.24 11.26 -6.72
N GLU A 141 -14.28 10.43 -7.78
CA GLU A 141 -15.47 10.31 -8.58
C GLU A 141 -16.60 9.79 -7.70
N GLY A 142 -16.28 8.80 -6.87
CA GLY A 142 -17.29 8.19 -5.97
C GLY A 142 -17.81 9.23 -4.99
N GLU A 143 -16.90 10.04 -4.48
CA GLU A 143 -17.26 11.05 -3.48
C GLU A 143 -18.16 12.13 -4.09
N VAL A 144 -17.78 12.60 -5.28
CA VAL A 144 -18.60 13.59 -6.00
C VAL A 144 -20.00 13.03 -6.35
N LYS A 145 -20.06 11.77 -6.79
CA LYS A 145 -21.36 11.18 -7.14
C LYS A 145 -22.22 11.08 -5.87
N ALA A 146 -21.58 10.82 -4.75
CA ALA A 146 -22.34 10.63 -3.49
C ALA A 146 -22.87 11.99 -2.99
N LYS A 147 -22.08 13.05 -3.13
CA LYS A 147 -22.43 14.34 -2.54
C LYS A 147 -23.19 15.24 -3.50
N TYR A 148 -22.94 15.02 -4.80
CA TYR A 148 -23.56 15.81 -5.87
C TYR A 148 -24.13 14.87 -6.94
N THR A 149 -23.60 14.94 -8.16
CA THR A 149 -24.06 14.10 -9.27
C THR A 149 -22.92 13.72 -10.22
N ALA A 150 -23.18 12.78 -11.11
CA ALA A 150 -22.22 12.43 -12.17
C ALA A 150 -21.93 13.71 -12.94
N GLN A 151 -22.98 14.51 -13.13
CA GLN A 151 -22.83 15.77 -13.86
C GLN A 151 -21.82 16.74 -13.19
N MET A 152 -21.91 16.87 -11.86
CA MET A 152 -20.93 17.67 -11.10
C MET A 152 -19.52 17.08 -11.30
N TYR A 153 -19.42 15.76 -11.21
CA TYR A 153 -18.12 15.16 -11.48
C TYR A 153 -17.52 15.51 -12.85
N GLU A 154 -18.35 15.53 -13.91
CA GLU A 154 -17.86 15.82 -15.25
C GLU A 154 -17.31 17.23 -15.28
N LEU A 155 -17.96 18.11 -14.54
CA LEU A 155 -17.54 19.49 -14.50
C LEU A 155 -16.15 19.60 -13.81
N PHE A 156 -16.00 18.94 -12.67
CA PHE A 156 -14.69 18.83 -11.99
C PHE A 156 -13.57 18.36 -12.97
N SER A 157 -13.88 17.31 -13.75
CA SER A 157 -12.90 16.75 -14.66
C SER A 157 -12.47 17.80 -15.68
N GLU A 158 -13.43 18.57 -16.18
CA GLU A 158 -13.13 19.61 -17.15
C GLU A 158 -12.26 20.71 -16.57
N VAL A 159 -12.57 21.11 -15.34
CA VAL A 159 -11.76 22.14 -14.68
C VAL A 159 -10.32 21.64 -14.46
N PHE A 160 -10.18 20.42 -13.98
CA PHE A 160 -8.83 19.84 -13.75
C PHE A 160 -7.93 19.94 -14.99
N GLU A 161 -8.54 19.83 -16.17
CA GLU A 161 -7.75 19.81 -17.43
C GLU A 161 -7.07 21.13 -17.64
N TRP A 162 -7.61 22.19 -17.01
CA TRP A 162 -7.04 23.52 -17.17
C TRP A 162 -5.98 23.91 -16.11
N LEU A 163 -5.78 23.05 -15.11
CA LEU A 163 -4.72 23.30 -14.11
C LEU A 163 -3.39 23.38 -14.82
N PRO A 164 -2.60 24.42 -14.49
CA PRO A 164 -1.24 24.47 -15.08
C PRO A 164 -0.39 23.28 -14.57
N LEU A 165 0.70 22.97 -15.28
CA LEU A 165 1.53 21.79 -15.01
C LEU A 165 2.79 22.11 -14.23
N ALA A 166 3.24 23.36 -14.26
CA ALA A 166 4.47 23.74 -13.52
C ALA A 166 4.50 25.21 -13.16
N GLN A 167 5.37 25.57 -12.23
CA GLN A 167 5.48 27.00 -11.85
C GLN A 167 6.92 27.34 -11.63
N CYS A 168 7.35 28.44 -12.21
CA CYS A 168 8.75 28.84 -12.01
C CYS A 168 8.81 30.17 -11.25
N ILE A 169 9.55 30.19 -10.13
CA ILE A 169 9.63 31.36 -9.25
C ILE A 169 10.99 32.04 -9.54
N ASN A 170 10.93 33.29 -9.97
CA ASN A 170 12.10 34.13 -10.20
C ASN A 170 13.09 33.54 -11.21
N GLY A 171 12.59 32.72 -12.13
CA GLY A 171 13.45 32.08 -13.13
C GLY A 171 14.51 31.17 -12.51
N LYS A 172 14.24 30.73 -11.27
CA LYS A 172 15.23 30.00 -10.48
C LYS A 172 14.76 28.70 -9.84
N VAL A 173 13.49 28.62 -9.44
CA VAL A 173 13.01 27.40 -8.79
C VAL A 173 11.85 26.90 -9.63
N LEU A 174 11.91 25.66 -10.14
CA LEU A 174 10.80 25.14 -10.93
C LEU A 174 10.07 24.15 -10.01
N ILE A 175 8.76 24.20 -10.06
CA ILE A 175 7.89 23.37 -9.20
C ILE A 175 6.93 22.57 -10.10
N MET A 176 6.88 21.25 -9.90
CA MET A 176 5.94 20.41 -10.62
C MET A 176 5.57 19.24 -9.73
N HIS A 177 4.43 18.62 -9.97
CA HIS A 177 4.00 17.58 -9.05
C HIS A 177 4.94 16.35 -9.08
N GLY A 178 5.22 15.87 -10.27
CA GLY A 178 5.94 14.57 -10.44
C GLY A 178 7.44 14.82 -10.49
N GLY A 179 7.89 15.33 -11.63
CA GLY A 179 9.35 15.58 -11.79
C GLY A 179 9.77 15.85 -13.21
N LEU A 180 11.00 15.47 -13.52
CA LEU A 180 11.59 15.83 -14.82
C LEU A 180 11.30 14.75 -15.86
N PHE A 181 12.10 14.72 -16.92
CA PHE A 181 11.66 14.13 -18.18
C PHE A 181 12.35 12.83 -18.58
N SER A 182 11.66 12.03 -19.39
CA SER A 182 12.17 10.78 -19.90
C SER A 182 13.18 10.95 -21.00
N GLU A 183 13.31 12.18 -21.49
CA GLU A 183 14.23 12.61 -22.57
C GLU A 183 15.00 13.86 -22.15
N ASP A 184 16.25 14.01 -22.61
CA ASP A 184 17.02 15.18 -22.36
C ASP A 184 16.57 16.26 -23.28
N GLY A 185 16.82 17.50 -22.88
CA GLY A 185 16.68 18.63 -23.80
C GLY A 185 15.38 19.39 -23.65
N VAL A 186 14.53 19.00 -22.71
CA VAL A 186 13.28 19.73 -22.49
C VAL A 186 13.56 21.11 -21.88
N THR A 187 12.93 22.14 -22.44
CA THR A 187 13.15 23.50 -21.92
C THR A 187 11.90 24.09 -21.26
N LEU A 188 12.10 25.20 -20.54
CA LEU A 188 10.95 25.90 -19.99
C LEU A 188 9.97 26.28 -21.13
N ASP A 189 10.50 26.73 -22.27
CA ASP A 189 9.58 27.08 -23.34
C ASP A 189 8.77 25.90 -23.85
N ASP A 190 9.37 24.71 -23.91
CA ASP A 190 8.61 23.48 -24.22
C ASP A 190 7.45 23.25 -23.26
N ILE A 191 7.67 23.54 -21.98
CA ILE A 191 6.60 23.37 -21.01
C ILE A 191 5.53 24.42 -21.26
N ARG A 192 5.94 25.66 -21.50
CA ARG A 192 4.97 26.70 -21.81
C ARG A 192 4.06 26.30 -22.97
N LYS A 193 4.60 25.56 -23.93
CA LYS A 193 3.87 25.21 -25.17
C LYS A 193 3.01 23.92 -25.10
N ILE A 194 3.05 23.21 -23.96
CA ILE A 194 2.27 21.99 -23.84
C ILE A 194 0.77 22.34 -23.88
N GLU A 195 0.04 21.70 -24.79
CA GLU A 195 -1.39 21.90 -24.84
C GLU A 195 -1.98 20.98 -23.80
N ARG A 196 -2.34 21.57 -22.67
CA ARG A 196 -2.51 20.82 -21.45
C ARG A 196 -3.97 20.43 -21.15
N ASN A 197 -4.89 21.01 -21.91
CA ASN A 197 -6.31 20.80 -21.64
C ASN A 197 -6.82 19.45 -22.18
N ARG A 198 -6.49 18.39 -21.46
CA ARG A 198 -6.73 17.03 -21.89
C ARG A 198 -6.42 16.10 -20.72
N GLN A 199 -6.74 14.81 -20.86
CA GLN A 199 -6.18 13.83 -19.97
C GLN A 199 -4.75 13.55 -20.44
N PRO A 200 -3.82 13.38 -19.48
CA PRO A 200 -2.43 13.25 -19.96
C PRO A 200 -2.22 12.03 -20.88
N PRO A 201 -1.27 12.13 -21.81
CA PRO A 201 -0.84 11.03 -22.68
C PRO A 201 -0.09 9.96 -21.84
N ASP A 202 0.05 8.74 -22.37
CA ASP A 202 0.71 7.64 -21.70
C ASP A 202 2.22 7.83 -21.70
N SER A 203 2.68 8.84 -22.44
CA SER A 203 4.11 9.16 -22.53
C SER A 203 4.30 10.61 -22.91
N GLY A 204 5.52 11.09 -22.73
CA GLY A 204 5.84 12.43 -23.15
C GLY A 204 5.89 13.41 -21.99
N PRO A 205 6.25 14.67 -22.30
CA PRO A 205 6.50 15.56 -21.17
C PRO A 205 5.30 15.85 -20.28
N MET A 206 4.10 15.99 -20.83
CA MET A 206 2.97 16.20 -19.92
C MET A 206 2.83 15.01 -18.92
N CYS A 207 3.05 13.78 -19.42
CA CYS A 207 3.02 12.61 -18.56
C CYS A 207 4.12 12.70 -17.49
N ASP A 208 5.34 13.03 -17.93
CA ASP A 208 6.49 13.08 -17.00
C ASP A 208 6.27 14.09 -15.86
N LEU A 209 5.79 15.29 -16.23
CA LEU A 209 5.59 16.36 -15.22
C LEU A 209 4.71 15.85 -14.09
N LEU A 210 3.74 14.98 -14.40
CA LEU A 210 2.77 14.52 -13.39
C LEU A 210 3.18 13.23 -12.72
N TRP A 211 4.12 12.49 -13.31
CA TRP A 211 4.32 11.10 -12.90
C TRP A 211 5.74 10.66 -12.50
N SER A 212 6.79 11.34 -12.97
CA SER A 212 8.15 10.82 -12.75
C SER A 212 8.63 10.94 -11.29
N ASP A 213 9.69 10.20 -10.95
CA ASP A 213 10.28 10.23 -9.59
C ASP A 213 11.80 10.34 -9.75
N PRO A 214 12.46 11.05 -8.82
CA PRO A 214 13.94 11.02 -8.79
C PRO A 214 14.43 9.63 -8.32
N GLN A 215 15.64 9.21 -8.74
CA GLN A 215 16.33 8.05 -8.19
C GLN A 215 17.72 8.55 -7.79
N PRO A 216 18.38 7.87 -6.84
CA PRO A 216 19.70 8.30 -6.39
C PRO A 216 20.81 8.12 -7.39
N GLN A 217 20.68 7.11 -8.25
CA GLN A 217 21.79 6.78 -9.13
C GLN A 217 21.71 7.50 -10.48
N ASN A 218 22.86 7.76 -11.10
CA ASN A 218 22.84 8.41 -12.41
C ASN A 218 22.07 7.61 -13.47
N GLY A 219 21.42 8.31 -14.39
CA GLY A 219 20.74 7.69 -15.51
C GLY A 219 19.23 7.84 -15.43
N ARG A 220 18.53 7.03 -16.21
CA ARG A 220 17.09 6.84 -16.06
C ARG A 220 16.71 5.39 -15.99
N SER A 221 15.62 5.16 -15.27
CA SER A 221 15.05 3.84 -15.18
C SER A 221 13.58 3.80 -15.55
N ILE A 222 13.13 2.70 -16.14
CA ILE A 222 11.69 2.46 -16.26
C ILE A 222 11.01 2.55 -14.88
N SER A 223 9.93 3.31 -14.81
CA SER A 223 9.27 3.51 -13.53
C SER A 223 8.51 2.28 -13.05
N LYS A 224 8.62 1.97 -11.76
CA LYS A 224 7.80 0.90 -11.16
C LYS A 224 6.31 1.21 -11.28
N ARG A 225 5.95 2.48 -11.39
CA ARG A 225 4.53 2.84 -11.49
C ARG A 225 3.90 2.41 -12.82
N GLY A 226 4.75 2.10 -13.80
CA GLY A 226 4.24 1.65 -15.09
C GLY A 226 4.04 2.79 -16.07
N VAL A 227 4.38 4.00 -15.63
CA VAL A 227 4.26 5.19 -16.44
C VAL A 227 5.51 6.04 -16.17
N SER A 228 5.99 6.76 -17.18
CA SER A 228 7.12 7.70 -17.02
C SER A 228 8.42 7.01 -16.56
N CYS A 229 9.33 7.76 -15.95
CA CYS A 229 10.63 7.18 -15.56
C CYS A 229 11.05 7.63 -14.19
N GLN A 230 12.12 7.01 -13.69
CA GLN A 230 12.88 7.55 -12.56
C GLN A 230 14.09 8.23 -13.20
N PHE A 231 14.49 9.38 -12.65
CA PHE A 231 15.59 10.19 -13.22
C PHE A 231 16.67 10.44 -12.15
N GLY A 232 17.93 10.36 -12.59
CA GLY A 232 19.08 10.50 -11.70
C GLY A 232 19.57 11.92 -11.54
N PRO A 233 20.60 12.07 -10.69
CA PRO A 233 21.10 13.38 -10.37
C PRO A 233 21.68 14.01 -11.61
N ASP A 234 22.19 13.19 -12.54
CA ASP A 234 22.74 13.72 -13.78
C ASP A 234 21.66 14.34 -14.65
N VAL A 235 20.48 13.75 -14.65
CA VAL A 235 19.36 14.29 -15.41
C VAL A 235 18.99 15.65 -14.85
N THR A 236 18.91 15.72 -13.52
CA THR A 236 18.52 16.98 -12.84
C THR A 236 19.53 18.11 -13.14
N LYS A 237 20.82 17.81 -12.97
CA LYS A 237 21.87 18.78 -13.20
C LYS A 237 21.81 19.35 -14.62
N ALA A 238 21.68 18.46 -15.61
CA ALA A 238 21.62 18.88 -17.01
C ALA A 238 20.41 19.79 -17.31
N PHE A 239 19.24 19.42 -16.77
CA PHE A 239 18.03 20.21 -16.94
C PHE A 239 18.19 21.61 -16.30
N LEU A 240 18.75 21.65 -15.08
CA LEU A 240 18.87 22.96 -14.40
C LEU A 240 19.86 23.85 -15.15
N GLU A 241 20.93 23.24 -15.60
CA GLU A 241 21.97 24.00 -16.34
C GLU A 241 21.37 24.58 -17.62
N GLU A 242 20.68 23.76 -18.40
CA GLU A 242 20.14 24.26 -19.67
C GLU A 242 19.16 25.39 -19.45
N ASN A 243 18.37 25.28 -18.40
CA ASN A 243 17.29 26.20 -18.15
C ASN A 243 17.64 27.33 -17.14
N ASN A 244 18.91 27.38 -16.72
CA ASN A 244 19.41 28.40 -15.82
C ASN A 244 18.63 28.47 -14.52
N LEU A 245 18.32 27.29 -13.99
CA LEU A 245 17.54 27.12 -12.75
C LEU A 245 18.49 26.75 -11.61
N ASP A 246 18.05 26.95 -10.38
CA ASP A 246 18.81 26.52 -9.20
C ASP A 246 18.41 25.13 -8.70
N TYR A 247 17.12 24.90 -8.56
CA TYR A 247 16.66 23.57 -8.13
C TYR A 247 15.19 23.38 -8.43
N ILE A 248 14.72 22.16 -8.21
CA ILE A 248 13.29 21.89 -8.43
C ILE A 248 12.63 21.43 -7.13
N ILE A 249 11.35 21.69 -7.02
CA ILE A 249 10.55 21.27 -5.92
C ILE A 249 9.44 20.46 -6.54
N ARG A 250 9.28 19.27 -6.00
CA ARG A 250 8.25 18.38 -6.51
C ARG A 250 7.63 17.65 -5.33
N SER A 251 6.66 16.78 -5.58
CA SER A 251 5.94 16.20 -4.49
C SER A 251 5.76 14.71 -4.79
N HIS A 252 4.54 14.14 -4.74
CA HIS A 252 4.23 12.83 -5.45
C HIS A 252 4.77 11.55 -4.72
N GLU A 253 5.46 11.71 -3.60
CA GLU A 253 5.89 10.54 -2.83
C GLU A 253 5.78 10.84 -1.36
N VAL A 254 5.28 9.88 -0.60
CA VAL A 254 5.21 10.08 0.82
C VAL A 254 6.60 10.02 1.43
N LYS A 255 6.90 10.95 2.35
CA LYS A 255 8.18 10.95 3.05
C LYS A 255 7.96 11.03 4.54
N ALA A 256 8.69 10.18 5.27
CA ALA A 256 8.45 9.99 6.72
C ALA A 256 8.54 11.32 7.50
N GLU A 257 9.43 12.22 7.07
CA GLU A 257 9.62 13.50 7.74
C GLU A 257 8.88 14.64 7.02
N GLY A 258 8.16 14.31 5.96
CA GLY A 258 7.42 15.34 5.22
C GLY A 258 8.13 15.98 4.06
N TYR A 259 9.42 15.74 3.96
CA TYR A 259 10.25 16.30 2.88
C TYR A 259 11.49 15.44 2.68
N GLU A 260 12.18 15.73 1.60
CA GLU A 260 13.46 15.10 1.33
C GLU A 260 14.21 16.00 0.39
N VAL A 261 15.51 16.03 0.52
CA VAL A 261 16.31 16.84 -0.42
C VAL A 261 17.33 15.91 -1.10
N ALA A 262 17.14 15.69 -2.39
CA ALA A 262 17.91 14.67 -3.08
C ALA A 262 18.82 15.38 -4.12
N HIS A 263 19.55 14.58 -4.89
CA HIS A 263 20.40 15.14 -5.94
C HIS A 263 21.28 16.27 -5.46
N GLY A 264 21.82 16.13 -4.23
CA GLY A 264 22.81 17.08 -3.72
C GLY A 264 22.21 18.46 -3.46
N GLY A 265 20.88 18.57 -3.35
CA GLY A 265 20.21 19.85 -3.12
C GLY A 265 19.30 20.24 -4.28
N ARG A 266 19.45 19.55 -5.43
CA ARG A 266 18.77 19.96 -6.66
C ARG A 266 17.34 19.51 -6.80
N CYS A 267 16.95 18.48 -6.05
CA CYS A 267 15.59 17.94 -6.22
C CYS A 267 14.94 17.77 -4.87
N VAL A 268 14.06 18.72 -4.50
CA VAL A 268 13.35 18.66 -3.22
C VAL A 268 11.99 17.98 -3.37
N THR A 269 11.66 17.05 -2.46
CA THR A 269 10.26 16.60 -2.31
C THR A 269 9.59 17.25 -1.10
N VAL A 270 8.38 17.75 -1.32
CA VAL A 270 7.50 18.23 -0.23
C VAL A 270 6.22 17.40 -0.29
N PHE A 271 5.76 16.97 0.88
CA PHE A 271 4.56 16.14 0.99
C PHE A 271 3.70 16.68 2.15
N SER A 272 2.43 17.01 1.89
CA SER A 272 1.65 17.78 2.85
C SER A 272 0.43 17.00 3.41
N ALA A 273 0.50 15.68 3.34
CA ALA A 273 -0.56 14.83 3.88
C ALA A 273 -0.01 14.02 5.06
N PRO A 274 -0.14 14.57 6.30
CA PRO A 274 0.44 13.84 7.45
C PRO A 274 -0.38 12.59 7.80
N ASN A 275 0.24 11.56 8.38
CA ASN A 275 -0.44 10.28 8.67
C ASN A 275 -1.31 9.85 7.49
N TYR A 276 -0.71 9.90 6.31
CA TYR A 276 -1.36 9.59 5.05
C TYR A 276 -2.27 8.35 5.14
N CYS A 277 -3.52 8.55 4.73
CA CYS A 277 -4.53 7.50 4.77
C CYS A 277 -4.71 6.87 6.14
N ASP A 278 -4.50 7.68 7.18
CA ASP A 278 -4.73 7.30 8.56
C ASP A 278 -3.84 6.14 8.90
N GLN A 279 -2.80 5.89 8.10
CA GLN A 279 -1.95 4.73 8.35
C GLN A 279 -0.45 4.97 8.27
N MET A 280 0.01 5.90 7.44
CA MET A 280 1.45 5.98 7.18
C MET A 280 2.27 6.37 8.41
N GLY A 281 1.69 7.16 9.31
CA GLY A 281 2.37 7.71 10.49
C GLY A 281 3.39 8.80 10.19
N ASN A 282 3.49 9.20 8.93
CA ASN A 282 4.47 10.22 8.52
C ASN A 282 4.13 11.62 9.00
N LYS A 283 5.18 12.43 9.18
CA LYS A 283 5.04 13.88 9.29
C LYS A 283 4.78 14.43 7.89
N ALA A 284 4.25 15.65 7.84
CA ALA A 284 4.09 16.37 6.59
C ALA A 284 4.94 17.69 6.70
N SER A 285 5.20 18.38 5.58
CA SER A 285 5.76 19.73 5.66
C SER A 285 5.22 20.63 4.57
N TYR A 286 5.47 21.90 4.77
CA TYR A 286 5.38 22.88 3.74
C TYR A 286 6.71 23.62 3.73
N ILE A 287 6.96 24.28 2.64
CA ILE A 287 8.18 25.02 2.38
C ILE A 287 7.88 26.51 2.35
N HIS A 288 8.76 27.30 2.99
CA HIS A 288 8.77 28.74 2.74
C HIS A 288 9.94 29.13 1.86
N LEU A 289 9.67 30.04 0.92
CA LEU A 289 10.68 30.65 0.06
C LEU A 289 10.54 32.17 0.16
N GLN A 290 11.64 32.91 0.09
CA GLN A 290 11.55 34.39 0.15
C GLN A 290 12.26 34.95 -1.03
N GLY A 291 11.81 36.12 -1.50
CA GLY A 291 12.42 36.76 -2.66
C GLY A 291 13.89 36.99 -2.41
N SER A 292 14.27 37.32 -1.18
CA SER A 292 15.66 37.66 -0.92
C SER A 292 16.53 36.41 -0.73
N ASP A 293 15.87 35.26 -0.55
CA ASP A 293 16.57 34.00 -0.32
C ASP A 293 15.68 32.82 -0.72
N LEU A 294 15.92 32.31 -1.92
CA LEU A 294 15.07 31.24 -2.45
C LEU A 294 15.44 29.84 -1.94
N ARG A 295 16.38 29.74 -1.01
CA ARG A 295 16.63 28.40 -0.47
C ARG A 295 15.41 27.93 0.34
N PRO A 296 15.10 26.61 0.32
CA PRO A 296 13.88 26.14 0.98
C PRO A 296 13.99 26.03 2.47
N GLN A 297 12.97 26.52 3.17
CA GLN A 297 12.90 26.38 4.62
C GLN A 297 11.70 25.47 4.87
N PHE A 298 11.94 24.39 5.60
CA PHE A 298 10.95 23.36 5.83
C PHE A 298 10.26 23.55 7.17
N HIS A 299 8.92 23.50 7.15
CA HIS A 299 8.11 23.53 8.35
C HIS A 299 7.30 22.24 8.45
N GLN A 300 7.59 21.46 9.47
CA GLN A 300 6.96 20.17 9.65
C GLN A 300 5.69 20.30 10.46
N PHE A 301 4.75 19.39 10.20
CA PHE A 301 3.55 19.32 10.99
C PHE A 301 2.97 17.88 11.03
N THR A 302 2.13 17.65 12.02
CA THR A 302 1.56 16.32 12.19
C THR A 302 0.04 16.32 12.07
N ALA A 303 -0.51 15.12 11.90
CA ALA A 303 -1.97 14.90 11.69
C ALA A 303 -2.82 15.43 12.84
N VAL A 304 -3.99 15.96 12.50
CA VAL A 304 -4.96 16.35 13.52
C VAL A 304 -6.22 15.51 13.38
N PRO A 305 -7.05 15.47 14.44
CA PRO A 305 -8.26 14.61 14.41
C PRO A 305 -9.19 14.96 13.26
N HIS A 306 -9.94 13.97 12.76
CA HIS A 306 -10.97 14.23 11.78
C HIS A 306 -12.17 13.35 12.11
N PRO A 307 -13.32 13.65 11.48
CA PRO A 307 -14.49 12.79 11.71
C PRO A 307 -14.23 11.33 11.34
N ASN A 308 -15.06 10.42 11.85
CA ASN A 308 -14.80 9.01 11.59
C ASN A 308 -15.33 8.53 10.24
N VAL A 309 -14.66 8.94 9.16
CA VAL A 309 -14.88 8.40 7.81
C VAL A 309 -13.55 7.78 7.42
N LYS A 310 -13.56 6.57 6.88
CA LYS A 310 -12.29 5.91 6.56
C LYS A 310 -11.77 6.36 5.21
N PRO A 311 -10.44 6.34 5.03
CA PRO A 311 -9.92 6.70 3.71
C PRO A 311 -10.51 5.79 2.64
N MET A 312 -10.67 6.32 1.44
CA MET A 312 -11.11 5.49 0.33
C MET A 312 -12.53 4.95 0.51
N ALA A 313 -13.28 5.54 1.44
CA ALA A 313 -14.66 5.10 1.70
C ALA A 313 -15.53 5.18 0.44
N TYR A 314 -15.19 6.10 -0.46
CA TYR A 314 -15.97 6.26 -1.69
C TYR A 314 -15.29 5.59 -2.89
N ALA A 315 -14.15 4.94 -2.66
CA ALA A 315 -13.41 4.30 -3.76
C ALA A 315 -14.14 3.07 -4.25
N TYR B 1 32.22 -17.71 -3.03
CA TYR B 1 31.00 -17.89 -2.18
C TYR B 1 31.33 -18.51 -0.82
N SER B 2 31.15 -17.73 0.23
CA SER B 2 31.43 -18.18 1.60
C SER B 2 30.16 -18.31 2.46
N GLY B 3 29.01 -18.42 1.79
CA GLY B 3 27.72 -18.58 2.47
C GLY B 3 27.44 -20.02 2.89
N PRO B 4 26.20 -20.28 3.38
CA PRO B 4 25.79 -21.59 3.86
C PRO B 4 25.84 -22.70 2.80
N LYS B 5 26.20 -23.89 3.24
CA LYS B 5 26.32 -25.05 2.34
C LYS B 5 25.69 -26.28 2.97
N LEU B 6 24.92 -27.03 2.19
CA LEU B 6 24.25 -28.24 2.67
C LEU B 6 25.27 -29.30 3.06
N GLU B 7 24.92 -30.15 4.02
CA GLU B 7 25.85 -31.19 4.47
C GLU B 7 25.55 -32.53 3.81
N ASP B 8 26.37 -32.91 2.84
CA ASP B 8 26.13 -34.11 2.03
C ASP B 8 24.76 -33.97 1.37
N GLY B 9 24.50 -32.80 0.80
CA GLY B 9 23.21 -32.53 0.16
C GLY B 9 22.03 -32.61 1.12
N LYS B 10 22.31 -32.53 2.42
CA LYS B 10 21.27 -32.54 3.42
C LYS B 10 21.28 -31.28 4.29
N VAL B 11 20.09 -30.74 4.54
CA VAL B 11 19.89 -29.70 5.52
C VAL B 11 20.16 -30.26 6.93
N THR B 12 20.88 -29.46 7.72
CA THR B 12 21.08 -29.77 9.13
C THR B 12 20.74 -28.54 9.96
N ILE B 13 20.74 -28.68 11.28
CA ILE B 13 20.47 -27.54 12.15
C ILE B 13 21.54 -26.45 12.02
N SER B 14 22.81 -26.84 11.89
CA SER B 14 23.86 -25.84 11.67
C SER B 14 23.66 -25.09 10.35
N PHE B 15 23.20 -25.77 9.30
CA PHE B 15 22.89 -25.05 8.05
C PHE B 15 21.79 -24.02 8.27
N MET B 16 20.71 -24.42 8.94
CA MET B 16 19.59 -23.51 9.16
C MET B 16 20.04 -22.29 9.96
N LYS B 17 20.86 -22.53 10.98
CA LYS B 17 21.39 -21.43 11.79
C LYS B 17 22.25 -20.49 10.97
N GLU B 18 23.14 -21.05 10.16
CA GLU B 18 23.96 -20.23 9.29
C GLU B 18 23.09 -19.51 8.27
N LEU B 19 22.12 -20.23 7.72
CA LEU B 19 21.21 -19.65 6.73
C LEU B 19 20.47 -18.44 7.32
N MET B 20 19.91 -18.57 8.52
CA MET B 20 19.20 -17.43 9.10
C MET B 20 20.12 -16.22 9.32
N GLN B 21 21.36 -16.49 9.71
CA GLN B 21 22.35 -15.44 9.90
C GLN B 21 22.69 -14.71 8.58
N TRP B 22 22.99 -15.50 7.57
CA TRP B 22 23.30 -15.04 6.22
C TRP B 22 22.20 -14.11 5.73
N TYR B 23 20.94 -14.51 5.90
CA TYR B 23 19.79 -13.71 5.46
C TYR B 23 19.60 -12.50 6.33
N LYS B 24 19.75 -12.68 7.63
CA LYS B 24 19.66 -11.53 8.52
C LYS B 24 20.60 -10.40 8.02
N ASP B 25 21.81 -10.79 7.61
CA ASP B 25 22.80 -9.85 7.10
C ASP B 25 22.57 -9.47 5.63
N GLN B 26 21.43 -9.89 5.09
CA GLN B 26 21.00 -9.51 3.73
C GLN B 26 21.81 -10.12 2.58
N LYS B 27 22.33 -11.31 2.80
CA LYS B 27 23.06 -12.03 1.77
C LYS B 27 22.22 -13.12 1.10
N LYS B 28 22.74 -13.64 -0.01
CA LYS B 28 21.99 -14.59 -0.83
C LYS B 28 22.52 -16.04 -0.76
N LEU B 29 21.61 -17.00 -0.62
CA LEU B 29 21.99 -18.40 -0.65
C LEU B 29 22.36 -18.75 -2.09
N HIS B 30 23.43 -19.51 -2.27
CA HIS B 30 23.82 -19.94 -3.61
C HIS B 30 22.69 -20.67 -4.34
N ARG B 31 22.49 -20.31 -5.60
CA ARG B 31 21.50 -20.97 -6.48
C ARG B 31 21.54 -22.50 -6.41
N LYS B 32 22.73 -23.07 -6.31
CA LYS B 32 22.82 -24.53 -6.21
C LYS B 32 22.17 -25.05 -4.93
N CYS B 33 22.40 -24.35 -3.82
CA CYS B 33 21.82 -24.69 -2.51
C CYS B 33 20.30 -24.49 -2.51
N ALA B 34 19.85 -23.37 -3.07
CA ALA B 34 18.45 -23.05 -3.16
C ALA B 34 17.78 -24.13 -4.01
N TYR B 35 18.44 -24.48 -5.11
CA TYR B 35 17.91 -25.52 -5.98
C TYR B 35 17.72 -26.87 -5.29
N GLN B 36 18.72 -27.29 -4.50
CA GLN B 36 18.69 -28.55 -3.75
C GLN B 36 17.53 -28.60 -2.76
N ILE B 37 17.28 -27.47 -2.11
CA ILE B 37 16.21 -27.38 -1.12
C ILE B 37 14.87 -27.55 -1.83
N LEU B 38 14.71 -26.84 -2.93
CA LEU B 38 13.45 -26.89 -3.68
C LEU B 38 13.15 -28.28 -4.22
N VAL B 39 14.12 -28.92 -4.87
CA VAL B 39 13.87 -30.26 -5.41
C VAL B 39 13.57 -31.29 -4.31
N GLN B 40 14.23 -31.16 -3.16
CA GLN B 40 13.97 -32.11 -2.08
C GLN B 40 12.64 -31.83 -1.39
N VAL B 41 12.31 -30.55 -1.23
CA VAL B 41 11.07 -30.21 -0.54
C VAL B 41 9.84 -30.51 -1.43
N LYS B 42 10.03 -30.38 -2.74
CA LYS B 42 8.98 -30.77 -3.68
C LYS B 42 8.69 -32.26 -3.54
N GLU B 43 9.74 -33.04 -3.26
CA GLU B 43 9.64 -34.48 -3.04
C GLU B 43 8.89 -34.84 -1.76
N VAL B 44 9.25 -34.18 -0.66
CA VAL B 44 8.59 -34.34 0.63
C VAL B 44 7.08 -33.99 0.50
N LEU B 45 6.80 -32.80 -0.03
CA LEU B 45 5.41 -32.33 -0.14
C LEU B 45 4.53 -33.22 -1.03
N SER B 46 5.07 -33.70 -2.15
CA SER B 46 4.25 -34.47 -3.10
C SER B 46 3.77 -35.79 -2.50
N LYS B 47 4.46 -36.25 -1.46
CA LYS B 47 4.06 -37.47 -0.78
C LYS B 47 2.89 -37.23 0.17
N LEU B 48 2.58 -35.96 0.44
CA LEU B 48 1.56 -35.67 1.46
C LEU B 48 0.13 -35.72 0.97
N SER B 49 -0.78 -35.98 1.90
CA SER B 49 -2.22 -35.85 1.63
C SER B 49 -2.55 -34.38 1.46
N THR B 50 -3.65 -34.12 0.76
CA THR B 50 -4.15 -32.76 0.63
C THR B 50 -4.60 -32.27 2.01
N LEU B 51 -5.09 -33.19 2.83
CA LEU B 51 -5.38 -32.91 4.25
C LEU B 51 -4.35 -33.59 5.16
N VAL B 52 -3.51 -32.79 5.82
CA VAL B 52 -2.56 -33.32 6.78
C VAL B 52 -3.32 -33.62 8.07
N GLU B 53 -3.18 -34.83 8.59
CA GLU B 53 -3.88 -35.19 9.82
C GLU B 53 -2.89 -35.46 10.94
N THR B 54 -2.96 -34.66 12.00
CA THR B 54 -1.96 -34.74 13.05
C THR B 54 -2.58 -35.15 14.38
N THR B 55 -1.91 -36.06 15.08
CA THR B 55 -2.33 -36.46 16.41
C THR B 55 -1.35 -35.88 17.39
N LEU B 56 -1.87 -35.13 18.35
CA LEU B 56 -1.09 -34.49 19.38
C LEU B 56 -1.36 -35.24 20.68
N LYS B 57 -0.34 -35.88 21.24
CA LYS B 57 -0.42 -36.52 22.57
C LYS B 57 -0.74 -35.47 23.64
N GLU B 58 -1.26 -35.92 24.79
CA GLU B 58 -1.73 -35.02 25.84
C GLU B 58 -0.66 -34.00 26.27
N THR B 59 0.60 -34.42 26.22
CA THR B 59 1.72 -33.58 26.62
C THR B 59 2.30 -32.76 25.48
N GLU B 60 1.97 -33.16 24.24
CA GLU B 60 2.53 -32.52 23.04
C GLU B 60 1.88 -31.17 22.76
N LYS B 61 2.65 -30.24 22.22
CA LYS B 61 2.14 -28.93 21.87
C LYS B 61 2.47 -28.67 20.41
N ILE B 62 1.86 -27.62 19.88
CA ILE B 62 2.12 -27.17 18.51
C ILE B 62 1.83 -25.68 18.43
N THR B 63 2.63 -24.98 17.63
CA THR B 63 2.43 -23.55 17.42
C THR B 63 1.85 -23.34 16.03
N VAL B 64 0.80 -22.52 15.94
CA VAL B 64 0.17 -22.19 14.65
C VAL B 64 0.38 -20.70 14.32
N CYS B 65 1.04 -20.40 13.20
CA CYS B 65 1.21 -19.04 12.74
C CYS B 65 0.37 -18.80 11.49
N GLY B 66 -0.09 -17.55 11.29
CA GLY B 66 -0.79 -17.18 10.07
C GLY B 66 0.15 -16.53 9.04
N ASP B 67 -0.38 -15.60 8.23
CA ASP B 67 0.40 -15.00 7.12
C ASP B 67 1.69 -14.36 7.66
N THR B 68 2.76 -14.52 6.90
CA THR B 68 4.06 -13.91 7.22
C THR B 68 4.52 -12.92 6.13
N HIS B 69 4.05 -13.14 4.90
CA HIS B 69 4.24 -12.19 3.78
C HIS B 69 5.64 -11.60 3.66
N GLY B 70 6.64 -12.46 3.65
CA GLY B 70 7.99 -12.00 3.32
C GLY B 70 8.59 -11.11 4.39
N GLN B 71 8.00 -11.08 5.59
CA GLN B 71 8.53 -10.28 6.70
C GLN B 71 9.56 -11.10 7.48
N PHE B 72 10.72 -11.30 6.85
CA PHE B 72 11.72 -12.22 7.39
C PHE B 72 12.20 -11.90 8.81
N TYR B 73 12.41 -10.62 9.09
CA TYR B 73 12.92 -10.24 10.39
C TYR B 73 11.89 -10.56 11.49
N ASP B 74 10.62 -10.49 11.13
CA ASP B 74 9.54 -10.83 12.07
C ASP B 74 9.46 -12.35 12.25
N LEU B 75 9.69 -13.08 11.17
CA LEU B 75 9.83 -14.52 11.29
C LEU B 75 10.92 -14.90 12.30
N LEU B 76 12.11 -14.31 12.16
CA LEU B 76 13.18 -14.60 13.12
C LEU B 76 12.70 -14.32 14.55
N ASN B 77 11.94 -13.24 14.70
CA ASN B 77 11.43 -12.86 16.01
C ASN B 77 10.51 -13.93 16.59
N ILE B 78 9.68 -14.50 15.72
CA ILE B 78 8.86 -15.63 16.15
C ILE B 78 9.74 -16.76 16.73
N PHE B 79 10.82 -17.10 16.04
CA PHE B 79 11.63 -18.24 16.50
C PHE B 79 12.38 -17.92 17.80
N GLU B 80 12.68 -16.64 17.99
CA GLU B 80 13.34 -16.18 19.22
C GLU B 80 12.37 -16.13 20.38
N LEU B 81 11.13 -15.72 20.11
CA LEU B 81 10.09 -15.69 21.15
C LEU B 81 9.64 -17.08 21.53
N ASN B 82 9.50 -17.93 20.51
CA ASN B 82 8.86 -19.22 20.68
C ASN B 82 9.79 -20.41 20.55
N GLY B 83 11.08 -20.13 20.35
CA GLY B 83 12.07 -21.17 20.10
C GLY B 83 12.11 -21.65 18.65
N LEU B 84 13.28 -22.12 18.23
CA LEU B 84 13.40 -22.70 16.90
C LEU B 84 12.49 -23.92 16.77
N PRO B 85 12.11 -24.26 15.53
CA PRO B 85 11.32 -25.49 15.37
C PRO B 85 12.12 -26.74 15.77
N SER B 86 11.41 -27.75 16.23
CA SER B 86 12.03 -29.05 16.47
C SER B 86 10.96 -30.13 16.67
N GLU B 87 11.44 -31.33 16.93
CA GLU B 87 10.57 -32.47 17.14
C GLU B 87 9.67 -32.23 18.35
N THR B 88 10.11 -31.34 19.23
CA THR B 88 9.38 -31.05 20.46
C THR B 88 8.81 -29.64 20.42
N ASN B 89 9.18 -28.86 19.39
CA ASN B 89 8.60 -27.55 19.16
C ASN B 89 8.04 -27.50 17.74
N PRO B 90 6.91 -28.19 17.50
CA PRO B 90 6.43 -28.19 16.12
C PRO B 90 5.71 -26.91 15.73
N TYR B 91 5.73 -26.61 14.43
CA TYR B 91 5.09 -25.41 13.86
C TYR B 91 4.15 -25.76 12.70
N ILE B 92 3.08 -24.97 12.58
CA ILE B 92 2.27 -24.92 11.37
C ILE B 92 2.28 -23.48 10.87
N PHE B 93 2.67 -23.29 9.61
CA PHE B 93 2.53 -21.95 8.99
C PHE B 93 1.42 -22.02 7.97
N ASN B 94 0.39 -21.23 8.23
CA ASN B 94 -0.89 -21.34 7.53
C ASN B 94 -0.99 -20.45 6.28
N GLY B 95 -0.10 -20.66 5.29
CA GLY B 95 -0.12 -19.92 4.01
C GLY B 95 0.39 -18.48 3.97
N ASP B 96 0.45 -17.93 2.76
CA ASP B 96 0.86 -16.54 2.55
C ASP B 96 2.20 -16.24 3.19
N PHE B 97 3.18 -17.05 2.80
CA PHE B 97 4.59 -16.85 3.23
C PHE B 97 5.28 -15.74 2.42
N VAL B 98 4.79 -15.47 1.21
CA VAL B 98 5.46 -14.62 0.24
C VAL B 98 4.53 -13.54 -0.26
N ASP B 99 5.06 -12.64 -1.10
CA ASP B 99 4.34 -11.47 -1.59
C ASP B 99 4.21 -10.37 -0.55
N ARG B 100 4.09 -9.13 -1.04
CA ARG B 100 3.93 -7.92 -0.25
C ARG B 100 5.22 -7.50 0.43
N GLY B 101 5.70 -8.34 1.35
CA GLY B 101 6.98 -8.09 2.00
C GLY B 101 8.12 -8.32 1.01
N SER B 102 9.25 -7.68 1.28
CA SER B 102 10.38 -7.66 0.33
C SER B 102 11.52 -8.60 0.70
N PHE B 103 11.29 -9.43 1.71
CA PHE B 103 12.19 -10.53 2.04
C PHE B 103 11.45 -11.88 1.91
N SER B 104 10.62 -11.98 0.87
CA SER B 104 9.92 -13.24 0.56
C SER B 104 10.82 -14.44 0.28
N VAL B 105 11.90 -14.21 -0.48
CA VAL B 105 12.78 -15.32 -0.81
C VAL B 105 13.42 -15.85 0.49
N GLU B 106 13.80 -14.94 1.38
CA GLU B 106 14.35 -15.34 2.68
C GLU B 106 13.36 -16.13 3.59
N VAL B 107 12.14 -15.64 3.73
CA VAL B 107 11.12 -16.41 4.42
C VAL B 107 10.97 -17.81 3.83
N ILE B 108 10.73 -17.88 2.53
CA ILE B 108 10.33 -19.15 1.94
C ILE B 108 11.43 -20.22 1.95
N LEU B 109 12.68 -19.83 1.68
CA LEU B 109 13.75 -20.82 1.74
C LEU B 109 14.07 -21.19 3.19
N THR B 110 13.84 -20.26 4.11
CA THR B 110 13.98 -20.62 5.52
C THR B 110 12.90 -21.64 5.93
N LEU B 111 11.65 -21.35 5.58
CA LEU B 111 10.56 -22.31 5.84
C LEU B 111 10.78 -23.65 5.19
N PHE B 112 11.12 -23.64 3.90
CA PHE B 112 11.42 -24.88 3.18
C PHE B 112 12.59 -25.66 3.86
N GLY B 113 13.65 -24.94 4.23
CA GLY B 113 14.75 -25.53 5.02
C GLY B 113 14.25 -26.30 6.25
N PHE B 114 13.44 -25.64 7.08
CA PHE B 114 12.91 -26.31 8.27
C PHE B 114 11.97 -27.47 7.96
N LYS B 115 11.19 -27.37 6.88
CA LYS B 115 10.37 -28.50 6.43
C LYS B 115 11.22 -29.75 6.19
N LEU B 116 12.33 -29.56 5.47
CA LEU B 116 13.28 -30.65 5.19
C LEU B 116 13.87 -31.18 6.49
N LEU B 117 14.25 -30.29 7.39
CA LEU B 117 14.86 -30.70 8.66
C LEU B 117 13.91 -31.50 9.59
N TYR B 118 12.69 -31.00 9.81
CA TYR B 118 11.75 -31.72 10.68
C TYR B 118 10.46 -31.95 9.90
N PRO B 119 10.51 -32.83 8.88
CA PRO B 119 9.37 -33.05 8.02
C PRO B 119 8.08 -33.46 8.75
N ASP B 120 8.21 -34.15 9.90
CA ASP B 120 7.04 -34.61 10.69
C ASP B 120 6.55 -33.58 11.72
N HIS B 121 7.30 -32.51 11.92
CA HIS B 121 6.93 -31.53 12.94
C HIS B 121 6.95 -30.08 12.49
N PHE B 122 7.17 -29.83 11.20
CA PHE B 122 7.15 -28.49 10.67
C PHE B 122 6.25 -28.56 9.45
N HIS B 123 5.10 -27.88 9.54
CA HIS B 123 4.04 -28.05 8.54
C HIS B 123 3.78 -26.71 7.85
N LEU B 124 3.63 -26.77 6.52
CA LEU B 124 3.32 -25.61 5.70
C LEU B 124 2.05 -25.88 4.92
N LEU B 125 1.08 -24.97 5.03
CA LEU B 125 -0.15 -25.11 4.28
C LEU B 125 -0.20 -24.01 3.22
N ARG B 126 -0.78 -24.29 2.06
CA ARG B 126 -0.86 -23.30 1.00
C ARG B 126 -1.78 -22.14 1.36
N GLY B 127 -1.34 -20.93 0.97
CA GLY B 127 -2.15 -19.72 0.99
C GLY B 127 -2.58 -19.33 -0.43
N ASN B 128 -3.48 -18.35 -0.53
CA ASN B 128 -3.83 -17.80 -1.85
C ASN B 128 -2.60 -17.19 -2.57
N HIS B 129 -1.61 -16.74 -1.81
CA HIS B 129 -0.40 -16.15 -2.44
C HIS B 129 0.66 -17.18 -2.90
N GLU B 130 0.47 -18.45 -2.60
CA GLU B 130 1.39 -19.45 -3.11
C GLU B 130 0.86 -19.95 -4.44
N THR B 131 0.65 -18.99 -5.35
CA THR B 131 0.09 -19.23 -6.68
C THR B 131 0.74 -18.26 -7.68
N ASP B 132 0.67 -18.55 -8.98
CA ASP B 132 1.31 -17.67 -10.00
C ASP B 132 0.67 -16.31 -10.17
N ASN B 133 -0.62 -16.30 -10.45
CA ASN B 133 -1.38 -15.07 -10.59
C ASN B 133 -0.96 -14.08 -9.55
N MET B 134 -0.96 -14.55 -8.30
CA MET B 134 -0.68 -13.68 -7.18
C MET B 134 0.79 -13.27 -7.21
N ASN B 135 1.67 -14.24 -7.47
CA ASN B 135 3.11 -13.99 -7.47
C ASN B 135 3.57 -12.97 -8.51
N GLN B 136 2.83 -12.89 -9.61
CA GLN B 136 3.19 -12.05 -10.77
C GLN B 136 2.91 -10.60 -10.42
N ILE B 137 1.92 -10.38 -9.56
CA ILE B 137 1.45 -9.04 -9.21
C ILE B 137 2.08 -8.48 -7.93
N TYR B 138 2.15 -9.32 -6.91
CA TYR B 138 2.43 -8.84 -5.56
C TYR B 138 3.88 -9.01 -5.10
N GLY B 139 4.80 -9.17 -6.04
CA GLY B 139 6.23 -9.01 -5.72
C GLY B 139 7.10 -10.25 -5.70
N PHE B 140 6.55 -11.42 -5.42
CA PHE B 140 7.39 -12.60 -5.31
C PHE B 140 8.08 -13.06 -6.61
N GLU B 141 7.34 -13.07 -7.72
CA GLU B 141 7.96 -13.46 -8.98
C GLU B 141 9.11 -12.51 -9.27
N GLY B 142 8.82 -11.20 -9.14
CA GLY B 142 9.78 -10.12 -9.37
C GLY B 142 10.97 -10.20 -8.44
N GLU B 143 10.75 -10.69 -7.21
CA GLU B 143 11.83 -10.91 -6.26
C GLU B 143 12.74 -12.07 -6.67
N VAL B 144 12.15 -13.22 -6.96
CA VAL B 144 12.89 -14.41 -7.40
C VAL B 144 13.67 -14.12 -8.70
N LYS B 145 13.09 -13.35 -9.60
CA LYS B 145 13.81 -12.96 -10.83
C LYS B 145 14.95 -11.96 -10.53
N ALA B 146 14.80 -11.13 -9.51
CA ALA B 146 15.89 -10.24 -9.13
C ALA B 146 17.07 -11.00 -8.52
N LYS B 147 16.78 -11.97 -7.65
CA LYS B 147 17.82 -12.66 -6.89
C LYS B 147 18.32 -13.92 -7.58
N TYR B 148 17.48 -14.50 -8.44
CA TYR B 148 17.87 -15.68 -9.21
C TYR B 148 17.48 -15.55 -10.68
N THR B 149 16.59 -16.42 -11.14
CA THR B 149 16.18 -16.44 -12.54
C THR B 149 14.71 -16.82 -12.67
N ALA B 150 14.18 -16.75 -13.89
CA ALA B 150 12.81 -17.17 -14.16
C ALA B 150 12.70 -18.69 -13.94
N GLN B 151 13.76 -19.40 -14.31
CA GLN B 151 13.83 -20.83 -14.03
C GLN B 151 13.72 -21.15 -12.54
N MET B 152 14.29 -20.30 -11.68
CA MET B 152 14.14 -20.52 -10.26
C MET B 152 12.68 -20.26 -9.88
N TYR B 153 12.11 -19.19 -10.43
CA TYR B 153 10.71 -18.90 -10.17
C TYR B 153 9.78 -20.05 -10.58
N GLU B 154 10.02 -20.65 -11.75
CA GLU B 154 9.18 -21.77 -12.19
C GLU B 154 9.26 -22.93 -11.20
N LEU B 155 10.45 -23.15 -10.63
CA LEU B 155 10.61 -24.23 -9.69
C LEU B 155 9.80 -23.98 -8.40
N PHE B 156 9.88 -22.77 -7.88
CA PHE B 156 9.09 -22.39 -6.69
C PHE B 156 7.63 -22.68 -7.00
N SER B 157 7.18 -22.21 -8.16
CA SER B 157 5.79 -22.35 -8.57
C SER B 157 5.36 -23.83 -8.53
N GLU B 158 6.20 -24.71 -9.08
CA GLU B 158 5.92 -26.14 -9.07
C GLU B 158 5.86 -26.71 -7.64
N VAL B 159 6.74 -26.24 -6.78
CA VAL B 159 6.75 -26.73 -5.40
C VAL B 159 5.49 -26.29 -4.64
N PHE B 160 5.10 -25.03 -4.81
CA PHE B 160 3.90 -24.51 -4.14
C PHE B 160 2.68 -25.37 -4.45
N GLU B 161 2.63 -25.90 -5.67
CA GLU B 161 1.48 -26.72 -6.10
C GLU B 161 1.30 -27.97 -5.25
N TRP B 162 2.38 -28.39 -4.59
CA TRP B 162 2.33 -29.58 -3.73
C TRP B 162 2.05 -29.30 -2.25
N LEU B 163 1.96 -28.03 -1.86
CA LEU B 163 1.62 -27.70 -0.47
C LEU B 163 0.23 -28.23 -0.12
N PRO B 164 0.11 -28.92 1.02
CA PRO B 164 -1.24 -29.34 1.41
C PRO B 164 -2.17 -28.14 1.64
N LEU B 165 -3.49 -28.38 1.58
CA LEU B 165 -4.47 -27.32 1.73
C LEU B 165 -5.08 -27.15 3.14
N ALA B 166 -4.99 -28.18 3.98
CA ALA B 166 -5.57 -28.05 5.32
C ALA B 166 -4.93 -29.05 6.23
N GLN B 167 -5.05 -28.81 7.54
CA GLN B 167 -4.47 -29.69 8.55
C GLN B 167 -5.51 -29.92 9.64
N CYS B 168 -5.69 -31.16 10.09
CA CYS B 168 -6.65 -31.39 11.15
C CYS B 168 -5.86 -31.95 12.31
N ILE B 169 -5.98 -31.33 13.48
CA ILE B 169 -5.36 -31.79 14.73
C ILE B 169 -6.33 -32.61 15.57
N ASN B 170 -5.99 -33.86 15.86
CA ASN B 170 -6.78 -34.74 16.75
C ASN B 170 -8.22 -34.95 16.31
N GLY B 171 -8.49 -34.81 15.01
CA GLY B 171 -9.87 -34.86 14.52
C GLY B 171 -10.82 -33.83 15.12
N LYS B 172 -10.27 -32.74 15.66
CA LYS B 172 -11.11 -31.70 16.30
C LYS B 172 -10.88 -30.27 15.83
N VAL B 173 -9.64 -29.92 15.48
CA VAL B 173 -9.36 -28.56 15.01
C VAL B 173 -8.94 -28.59 13.54
N LEU B 174 -9.65 -27.88 12.66
CA LEU B 174 -9.25 -27.84 11.23
C LEU B 174 -8.64 -26.47 10.89
N ILE B 175 -7.53 -26.48 10.16
CA ILE B 175 -6.72 -25.29 9.90
C ILE B 175 -6.57 -25.17 8.39
N MET B 176 -6.87 -23.99 7.85
CA MET B 176 -6.72 -23.76 6.42
C MET B 176 -6.47 -22.28 6.29
N HIS B 177 -5.93 -21.83 5.16
CA HIS B 177 -5.58 -20.44 5.05
C HIS B 177 -6.80 -19.52 5.01
N GLY B 178 -7.77 -19.80 4.16
CA GLY B 178 -8.87 -18.85 3.90
C GLY B 178 -10.07 -19.17 4.75
N GLY B 179 -10.77 -20.25 4.43
CA GLY B 179 -11.86 -20.69 5.30
C GLY B 179 -12.75 -21.74 4.69
N LEU B 180 -14.04 -21.61 4.97
CA LEU B 180 -14.98 -22.64 4.55
C LEU B 180 -15.56 -22.42 3.16
N PHE B 181 -16.67 -23.11 2.87
CA PHE B 181 -17.03 -23.37 1.47
C PHE B 181 -18.26 -22.63 1.01
N SER B 182 -18.34 -22.46 -0.32
CA SER B 182 -19.45 -21.77 -0.96
C SER B 182 -20.67 -22.64 -1.10
N GLU B 183 -20.53 -23.92 -0.77
CA GLU B 183 -21.63 -24.93 -0.82
C GLU B 183 -21.68 -25.70 0.48
N ASP B 184 -22.88 -26.08 0.91
CA ASP B 184 -22.97 -26.93 2.09
C ASP B 184 -22.56 -28.35 1.73
N GLY B 185 -22.19 -29.11 2.75
CA GLY B 185 -22.00 -30.55 2.62
C GLY B 185 -20.57 -31.03 2.39
N VAL B 186 -19.60 -30.12 2.34
CA VAL B 186 -18.22 -30.57 2.19
C VAL B 186 -17.74 -31.34 3.42
N THR B 187 -17.04 -32.44 3.17
CA THR B 187 -16.54 -33.27 4.28
C THR B 187 -15.03 -33.26 4.33
N LEU B 188 -14.48 -33.74 5.44
CA LEU B 188 -13.05 -33.91 5.52
C LEU B 188 -12.58 -34.84 4.39
N ASP B 189 -13.38 -35.83 4.03
CA ASP B 189 -12.94 -36.74 2.96
C ASP B 189 -12.82 -36.04 1.61
N ASP B 190 -13.77 -35.15 1.34
CA ASP B 190 -13.68 -34.33 0.13
C ASP B 190 -12.39 -33.51 0.10
N ILE B 191 -12.01 -32.95 1.25
CA ILE B 191 -10.76 -32.18 1.28
C ILE B 191 -9.60 -33.11 0.95
N ARG B 192 -9.61 -34.27 1.58
CA ARG B 192 -8.54 -35.26 1.43
C ARG B 192 -8.38 -35.69 -0.02
N LYS B 193 -9.49 -35.72 -0.76
CA LYS B 193 -9.50 -36.14 -2.17
C LYS B 193 -9.24 -35.03 -3.17
N ILE B 194 -9.11 -33.79 -2.72
CA ILE B 194 -8.84 -32.72 -3.68
C ILE B 194 -7.53 -32.98 -4.41
N GLU B 195 -7.55 -32.86 -5.74
CA GLU B 195 -6.32 -32.95 -6.51
C GLU B 195 -5.64 -31.58 -6.56
N ARG B 196 -4.69 -31.38 -5.66
CA ARG B 196 -4.22 -30.03 -5.33
C ARG B 196 -3.04 -29.53 -6.18
N ASN B 197 -2.40 -30.43 -6.92
CA ASN B 197 -1.20 -30.07 -7.69
C ASN B 197 -1.51 -29.29 -8.94
N ARG B 198 -1.81 -28.01 -8.76
CA ARG B 198 -2.33 -27.17 -9.81
C ARG B 198 -2.45 -25.76 -9.29
N GLN B 199 -2.69 -24.82 -10.19
CA GLN B 199 -3.10 -23.48 -9.80
C GLN B 199 -4.57 -23.62 -9.46
N PRO B 200 -5.04 -22.95 -8.40
CA PRO B 200 -6.42 -23.28 -8.00
C PRO B 200 -7.42 -22.88 -9.09
N PRO B 201 -8.59 -23.52 -9.09
CA PRO B 201 -9.68 -23.10 -9.96
C PRO B 201 -10.34 -21.78 -9.47
N ASP B 202 -11.18 -21.23 -10.33
CA ASP B 202 -11.84 -19.95 -10.10
C ASP B 202 -12.97 -20.17 -9.10
N SER B 203 -13.31 -21.44 -8.85
CA SER B 203 -14.46 -21.79 -8.04
C SER B 203 -14.26 -23.17 -7.43
N GLY B 204 -15.03 -23.53 -6.40
CA GLY B 204 -14.95 -24.90 -5.86
C GLY B 204 -14.16 -24.97 -4.55
N PRO B 205 -14.06 -26.16 -3.96
CA PRO B 205 -13.48 -26.32 -2.62
C PRO B 205 -12.03 -25.85 -2.52
N MET B 206 -11.22 -26.12 -3.55
CA MET B 206 -9.82 -25.71 -3.45
C MET B 206 -9.72 -24.20 -3.45
N CYS B 207 -10.52 -23.56 -4.29
CA CYS B 207 -10.61 -22.09 -4.29
C CYS B 207 -11.03 -21.56 -2.90
N ASP B 208 -12.11 -22.12 -2.36
CA ASP B 208 -12.66 -21.63 -1.12
C ASP B 208 -11.65 -21.73 0.02
N LEU B 209 -10.90 -22.84 0.08
CA LEU B 209 -9.98 -23.13 1.18
C LEU B 209 -8.93 -22.04 1.25
N LEU B 210 -8.62 -21.45 0.10
CA LEU B 210 -7.52 -20.49 -0.01
C LEU B 210 -8.03 -19.05 0.07
N TRP B 211 -9.31 -18.84 -0.16
CA TRP B 211 -9.84 -17.53 -0.41
C TRP B 211 -11.04 -17.04 0.43
N SER B 212 -11.84 -17.94 1.03
CA SER B 212 -13.08 -17.44 1.65
C SER B 212 -12.79 -16.66 2.94
N ASP B 213 -13.76 -15.84 3.38
CA ASP B 213 -13.67 -15.14 4.68
C ASP B 213 -14.96 -15.32 5.50
N PRO B 214 -14.83 -15.36 6.83
CA PRO B 214 -16.05 -15.40 7.67
C PRO B 214 -16.76 -14.05 7.64
N GLN B 215 -18.08 -14.05 7.87
CA GLN B 215 -18.81 -12.80 8.06
C GLN B 215 -19.65 -13.00 9.32
N PRO B 216 -20.05 -11.90 9.98
CA PRO B 216 -20.78 -12.05 11.26
C PRO B 216 -22.20 -12.55 11.11
N GLN B 217 -22.81 -12.23 9.97
CA GLN B 217 -24.23 -12.51 9.79
C GLN B 217 -24.49 -13.85 9.10
N ASN B 218 -25.59 -14.52 9.48
CA ASN B 218 -25.89 -15.80 8.89
C ASN B 218 -26.04 -15.70 7.38
N GLY B 219 -25.63 -16.79 6.73
CA GLY B 219 -25.80 -16.98 5.29
C GLY B 219 -24.45 -17.08 4.60
N ARG B 220 -24.48 -16.78 3.30
CA ARG B 220 -23.28 -16.59 2.51
C ARG B 220 -23.44 -15.32 1.68
N SER B 221 -22.32 -14.64 1.43
CA SER B 221 -22.31 -13.50 0.51
C SER B 221 -21.24 -13.65 -0.57
N ILE B 222 -21.53 -13.12 -1.75
CA ILE B 222 -20.51 -13.00 -2.77
C ILE B 222 -19.35 -12.21 -2.15
N SER B 223 -18.14 -12.72 -2.30
CA SER B 223 -16.95 -12.07 -1.69
C SER B 223 -16.57 -10.72 -2.30
N LYS B 224 -16.28 -9.74 -1.45
CA LYS B 224 -15.82 -8.45 -1.93
C LYS B 224 -14.48 -8.62 -2.65
N ARG B 225 -13.82 -9.78 -2.46
CA ARG B 225 -12.53 -10.02 -3.12
C ARG B 225 -12.67 -10.34 -4.62
N GLY B 226 -13.89 -10.69 -5.01
CA GLY B 226 -14.15 -11.17 -6.37
C GLY B 226 -13.94 -12.65 -6.59
N VAL B 227 -13.70 -13.41 -5.52
CA VAL B 227 -13.48 -14.82 -5.68
C VAL B 227 -13.97 -15.44 -4.38
N SER B 228 -14.57 -16.62 -4.47
CA SER B 228 -15.12 -17.32 -3.31
C SER B 228 -16.25 -16.55 -2.62
N CYS B 229 -16.47 -16.82 -1.33
CA CYS B 229 -17.63 -16.27 -0.63
C CYS B 229 -17.25 -15.82 0.78
N GLN B 230 -18.17 -15.07 1.39
CA GLN B 230 -18.11 -14.83 2.82
C GLN B 230 -19.11 -15.80 3.46
N PHE B 231 -18.73 -16.39 4.59
CA PHE B 231 -19.59 -17.42 5.21
C PHE B 231 -19.93 -17.07 6.65
N GLY B 232 -21.21 -17.15 6.99
CA GLY B 232 -21.66 -16.81 8.36
C GLY B 232 -21.56 -17.93 9.40
N PRO B 233 -21.95 -17.62 10.66
CA PRO B 233 -21.74 -18.61 11.75
C PRO B 233 -22.58 -19.86 11.55
N ASP B 234 -23.70 -19.70 10.88
CA ASP B 234 -24.51 -20.88 10.53
C ASP B 234 -23.75 -21.89 9.64
N VAL B 235 -22.98 -21.37 8.68
CA VAL B 235 -22.17 -22.20 7.79
C VAL B 235 -21.15 -22.95 8.62
N THR B 236 -20.48 -22.21 9.50
CA THR B 236 -19.42 -22.79 10.28
C THR B 236 -20.00 -23.87 11.23
N LYS B 237 -21.09 -23.55 11.92
CA LYS B 237 -21.72 -24.55 12.80
C LYS B 237 -22.10 -25.87 12.07
N ALA B 238 -22.76 -25.75 10.92
CA ALA B 238 -23.13 -26.96 10.15
C ALA B 238 -21.91 -27.79 9.74
N PHE B 239 -20.87 -27.11 9.26
CA PHE B 239 -19.70 -27.80 8.83
C PHE B 239 -19.01 -28.48 9.99
N LEU B 240 -18.85 -27.77 11.10
CA LEU B 240 -18.23 -28.38 12.29
C LEU B 240 -19.05 -29.59 12.75
N GLU B 241 -20.35 -29.47 12.71
CA GLU B 241 -21.23 -30.58 13.16
C GLU B 241 -21.10 -31.84 12.30
N GLU B 242 -21.29 -31.69 11.01
CA GLU B 242 -21.15 -32.80 10.08
C GLU B 242 -19.79 -33.50 10.22
N ASN B 243 -18.74 -32.71 10.49
CA ASN B 243 -17.39 -33.26 10.49
C ASN B 243 -16.82 -33.63 11.87
N ASN B 244 -17.69 -33.55 12.89
CA ASN B 244 -17.30 -33.81 14.28
C ASN B 244 -16.09 -33.00 14.74
N LEU B 245 -16.02 -31.73 14.31
CA LEU B 245 -14.94 -30.82 14.73
C LEU B 245 -15.40 -29.83 15.79
N ASP B 246 -14.43 -29.24 16.48
CA ASP B 246 -14.70 -28.27 17.53
C ASP B 246 -14.65 -26.83 16.99
N TYR B 247 -13.57 -26.50 16.25
CA TYR B 247 -13.49 -25.19 15.61
C TYR B 247 -12.48 -25.19 14.47
N ILE B 248 -12.42 -24.06 13.78
CA ILE B 248 -11.42 -23.88 12.73
C ILE B 248 -10.47 -22.73 13.09
N ILE B 249 -9.26 -22.80 12.56
CA ILE B 249 -8.28 -21.75 12.66
C ILE B 249 -7.96 -21.44 11.20
N ARG B 250 -8.07 -20.17 10.87
CA ARG B 250 -7.71 -19.73 9.55
C ARG B 250 -6.90 -18.44 9.69
N SER B 251 -6.50 -17.87 8.57
CA SER B 251 -5.66 -16.68 8.61
C SER B 251 -6.24 -15.71 7.56
N HIS B 252 -5.44 -15.20 6.63
CA HIS B 252 -6.00 -14.53 5.42
C HIS B 252 -6.55 -13.11 5.61
N GLU B 253 -6.59 -12.59 6.83
CA GLU B 253 -7.02 -11.21 7.05
C GLU B 253 -6.18 -10.58 8.15
N VAL B 254 -5.84 -9.31 7.99
CA VAL B 254 -5.10 -8.61 9.03
C VAL B 254 -6.05 -8.27 10.16
N LYS B 255 -5.59 -8.56 11.38
CA LYS B 255 -6.30 -8.19 12.60
C LYS B 255 -5.41 -7.30 13.48
N ALA B 256 -6.00 -6.23 13.99
CA ALA B 256 -5.26 -5.25 14.82
C ALA B 256 -4.49 -5.86 15.99
N GLU B 257 -5.10 -6.82 16.69
CA GLU B 257 -4.46 -7.47 17.83
C GLU B 257 -3.77 -8.75 17.40
N GLY B 258 -3.74 -8.99 16.09
CA GLY B 258 -3.11 -10.22 15.55
C GLY B 258 -3.96 -11.48 15.57
N TYR B 259 -5.15 -11.41 16.17
CA TYR B 259 -6.06 -12.54 16.11
C TYR B 259 -7.49 -12.02 16.25
N GLU B 260 -8.44 -12.89 15.97
CA GLU B 260 -9.86 -12.64 16.19
C GLU B 260 -10.54 -13.98 16.45
N VAL B 261 -11.59 -13.98 17.26
CA VAL B 261 -12.37 -15.20 17.47
C VAL B 261 -13.83 -14.88 17.13
N ALA B 262 -14.27 -15.39 16.00
CA ALA B 262 -15.59 -15.11 15.47
C ALA B 262 -16.53 -16.32 15.60
N HIS B 263 -17.77 -16.14 15.19
CA HIS B 263 -18.73 -17.25 15.13
C HIS B 263 -18.86 -17.93 16.50
N GLY B 264 -18.86 -17.09 17.55
CA GLY B 264 -19.05 -17.55 18.92
C GLY B 264 -17.95 -18.46 19.42
N GLY B 265 -16.78 -18.41 18.78
CA GLY B 265 -15.65 -19.28 19.16
C GLY B 265 -15.24 -20.26 18.06
N ARG B 266 -16.07 -20.36 17.03
CA ARG B 266 -15.91 -21.44 16.06
C ARG B 266 -14.99 -21.11 14.91
N CYS B 267 -14.69 -19.83 14.74
CA CYS B 267 -13.83 -19.44 13.61
C CYS B 267 -12.78 -18.44 14.08
N VAL B 268 -11.58 -18.96 14.31
CA VAL B 268 -10.43 -18.19 14.76
C VAL B 268 -9.59 -17.68 13.59
N THR B 269 -9.20 -16.41 13.62
CA THR B 269 -8.22 -15.88 12.65
C THR B 269 -6.90 -15.65 13.43
N VAL B 270 -5.80 -16.14 12.86
CA VAL B 270 -4.47 -15.83 13.39
C VAL B 270 -3.66 -15.22 12.24
N PHE B 271 -2.93 -14.16 12.55
CA PHE B 271 -2.22 -13.39 11.53
C PHE B 271 -0.84 -13.04 12.09
N SER B 272 0.22 -13.40 11.36
CA SER B 272 1.56 -13.39 11.97
C SER B 272 2.54 -12.38 11.33
N ALA B 273 1.98 -11.35 10.69
CA ALA B 273 2.75 -10.27 10.04
C ALA B 273 2.48 -8.94 10.76
N PRO B 274 3.31 -8.62 11.76
CA PRO B 274 3.05 -7.41 12.56
C PRO B 274 3.42 -6.18 11.77
N ASN B 275 2.79 -5.06 12.09
CA ASN B 275 2.94 -3.86 11.32
C ASN B 275 2.97 -4.18 9.82
N TYR B 276 1.93 -4.87 9.36
CA TYR B 276 1.86 -5.36 7.98
C TYR B 276 2.23 -4.31 6.93
N CYS B 277 3.14 -4.68 6.04
CA CYS B 277 3.63 -3.78 4.98
C CYS B 277 4.16 -2.46 5.53
N ASP B 278 4.74 -2.50 6.72
CA ASP B 278 5.31 -1.31 7.40
C ASP B 278 4.30 -0.19 7.57
N GLN B 279 3.02 -0.54 7.65
CA GLN B 279 1.94 0.45 7.64
C GLN B 279 0.83 0.21 8.67
N MET B 280 0.29 -1.01 8.69
CA MET B 280 -0.93 -1.29 9.46
C MET B 280 -0.81 -1.00 10.94
N GLY B 281 0.40 -1.13 11.48
CA GLY B 281 0.62 -0.97 12.91
C GLY B 281 -0.10 -2.00 13.77
N ASN B 282 -0.53 -3.10 13.14
CA ASN B 282 -1.19 -4.19 13.86
C ASN B 282 -0.16 -4.99 14.64
N LYS B 283 -0.61 -5.62 15.71
CA LYS B 283 0.13 -6.66 16.37
C LYS B 283 -0.04 -7.92 15.52
N ALA B 284 0.83 -8.88 15.76
CA ALA B 284 0.70 -10.18 15.16
C ALA B 284 0.47 -11.15 16.31
N SER B 285 0.06 -12.37 15.98
CA SER B 285 0.05 -13.36 17.04
C SER B 285 0.38 -14.73 16.51
N TYR B 286 0.63 -15.67 17.40
CA TYR B 286 0.67 -17.07 17.04
C TYR B 286 -0.11 -17.83 18.13
N ILE B 287 -0.51 -19.05 17.82
CA ILE B 287 -1.39 -19.79 18.71
C ILE B 287 -0.64 -21.00 19.23
N HIS B 288 -0.84 -21.29 20.52
CA HIS B 288 -0.38 -22.57 21.07
C HIS B 288 -1.59 -23.51 21.25
N LEU B 289 -1.40 -24.75 20.82
CA LEU B 289 -2.35 -25.82 21.13
C LEU B 289 -1.60 -26.94 21.80
N GLN B 290 -2.32 -27.74 22.58
CA GLN B 290 -1.71 -28.90 23.21
C GLN B 290 -2.69 -30.05 23.29
N GLY B 291 -2.17 -31.27 23.35
CA GLY B 291 -2.98 -32.48 23.22
C GLY B 291 -4.10 -32.60 24.23
N SER B 292 -3.84 -32.10 25.43
CA SER B 292 -4.77 -32.23 26.55
C SER B 292 -5.78 -31.09 26.61
N ASP B 293 -5.54 -30.02 25.86
CA ASP B 293 -6.45 -28.88 25.83
C ASP B 293 -6.29 -28.15 24.49
N LEU B 294 -7.22 -28.39 23.57
CA LEU B 294 -7.04 -27.96 22.18
C LEU B 294 -7.51 -26.54 21.99
N ARG B 295 -7.84 -25.86 23.08
CA ARG B 295 -8.33 -24.50 23.01
C ARG B 295 -7.18 -23.52 22.70
N PRO B 296 -7.45 -22.49 21.88
CA PRO B 296 -6.33 -21.64 21.43
C PRO B 296 -5.79 -20.73 22.52
N GLN B 297 -4.47 -20.70 22.65
CA GLN B 297 -3.81 -19.78 23.57
C GLN B 297 -3.05 -18.85 22.65
N PHE B 298 -3.37 -17.56 22.72
CA PHE B 298 -2.82 -16.58 21.78
C PHE B 298 -1.61 -15.90 22.35
N HIS B 299 -0.59 -15.75 21.53
CA HIS B 299 0.61 -15.06 21.99
C HIS B 299 0.88 -13.93 21.04
N GLN B 300 0.73 -12.70 21.53
CA GLN B 300 0.87 -11.53 20.67
C GLN B 300 2.32 -11.08 20.57
N PHE B 301 2.61 -10.35 19.50
CA PHE B 301 3.96 -9.81 19.30
C PHE B 301 3.97 -8.64 18.33
N THR B 302 5.03 -7.85 18.40
CA THR B 302 5.07 -6.63 17.61
C THR B 302 6.26 -6.69 16.67
N ALA B 303 6.26 -5.79 15.69
CA ALA B 303 7.29 -5.75 14.64
C ALA B 303 8.67 -5.35 15.16
N VAL B 304 9.69 -5.98 14.59
CA VAL B 304 11.09 -5.66 14.85
C VAL B 304 11.74 -4.89 13.68
N PRO B 305 12.89 -4.23 13.93
CA PRO B 305 13.50 -3.55 12.79
C PRO B 305 13.91 -4.47 11.65
N HIS B 306 13.90 -3.92 10.44
CA HIS B 306 14.44 -4.57 9.27
C HIS B 306 15.14 -3.55 8.37
N PRO B 307 15.99 -4.03 7.47
CA PRO B 307 16.73 -3.14 6.57
C PRO B 307 15.76 -2.26 5.79
N ASN B 308 16.23 -1.11 5.33
CA ASN B 308 15.38 -0.21 4.57
C ASN B 308 15.16 -0.74 3.16
N VAL B 309 14.26 -1.70 3.02
CA VAL B 309 13.75 -2.11 1.71
C VAL B 309 12.23 -2.02 1.78
N LYS B 310 11.63 -1.27 0.86
CA LYS B 310 10.19 -1.04 0.92
C LYS B 310 9.39 -2.29 0.55
N PRO B 311 8.20 -2.46 1.17
CA PRO B 311 7.31 -3.53 0.73
C PRO B 311 7.02 -3.39 -0.76
N MET B 312 6.88 -4.51 -1.46
CA MET B 312 6.53 -4.48 -2.87
C MET B 312 7.69 -3.92 -3.71
N ALA B 313 8.87 -3.82 -3.12
CA ALA B 313 10.05 -3.32 -3.82
C ALA B 313 10.24 -4.02 -5.17
N TYR B 314 9.93 -5.30 -5.22
CA TYR B 314 10.22 -6.10 -6.40
C TYR B 314 9.04 -6.25 -7.37
N ALA B 315 7.95 -5.52 -7.08
CA ALA B 315 6.74 -5.61 -7.90
C ALA B 315 6.84 -4.77 -9.18
ZN ZN C . 1.26 12.08 -7.31
ZN ZN D . -0.25 11.78 -4.33
O2 NHC E . -0.99 9.98 -5.44
O2 NHC E . -1.36 9.71 -4.96
C8 NHC E . -0.90 8.89 -4.88
C8 NHC E . -0.42 8.94 -5.20
O4 NHC E . -1.67 7.93 -5.19
O4 NHC E . -0.12 8.54 -6.36
C3 NHC E . 0.21 8.64 -3.85
C3 NHC E . 0.48 8.48 -4.08
C7 NHC E . 0.25 7.14 -3.53
C7 NHC E . 0.44 6.95 -3.97
C4 NHC E . 1.55 9.22 -4.38
C4 NHC E . 1.84 9.11 -4.42
C10 NHC E . 2.64 8.18 -4.69
C10 NHC E . 2.98 8.12 -4.66
C9 NHC E . 1.21 9.84 -5.71
C9 NHC E . 1.63 9.94 -5.66
O3 NHC E . 0.67 10.99 -5.78
O3 NHC E . 1.47 11.19 -5.54
O5 NHC E . 1.57 9.18 -6.72
O5 NHC E . 1.70 9.32 -6.77
C2 NHC E . 0.06 9.45 -2.56
C2 NHC E . 0.18 9.15 -2.74
C1 NHC E . 1.05 8.83 -1.59
C1 NHC E . 1.09 8.45 -1.75
C5 NHC E . 2.39 9.35 -2.11
C5 NHC E . 2.46 9.10 -2.07
C6 NHC E . 1.96 10.20 -3.30
C6 NHC E . 2.11 10.02 -3.23
O1 NHC E . 0.72 10.67 -2.81
O1 NHC E . 0.80 10.42 -2.82
ZN ZN F . -4.55 -14.84 2.11
ZN ZN G . -2.18 -12.73 3.16
O2 NHC H . -2.59 -11.61 1.34
O2 NHC H . -2.43 -11.56 1.12
C8 NHC H . -3.04 -10.46 1.15
C8 NHC H . -3.47 -10.90 0.96
O4 NHC H . -3.12 -9.97 0.00
O4 NHC H . -4.23 -11.08 -0.03
C3 NHC H . -3.53 -9.69 2.34
C3 NHC H . -3.86 -9.88 2.00
C7 NHC H . -3.99 -8.29 1.93
C7 NHC H . -4.46 -8.65 1.33
C4 NHC H . -4.60 -10.57 2.94
C4 NHC H . -4.88 -10.59 2.86
C10 NHC H . -6.00 -9.96 2.81
C10 NHC H . -6.25 -9.92 2.76
C9 NHC H . -4.54 -11.86 2.17
C9 NHC H . -4.95 -12.00 2.37
O3 NHC H . -4.41 -12.96 2.80
O3 NHC H . -4.52 -12.91 3.14
O5 NHC H . -4.57 -11.79 0.92
O5 NHC H . -5.40 -12.19 1.21
C2 NHC H . -2.52 -9.62 3.47
C2 NHC H . -2.80 -9.54 3.02
C1 NHC H . -3.06 -8.66 4.50
C1 NHC H . -3.38 -8.40 3.84
C5 NHC H . -4.24 -9.44 5.10
C5 NHC H . -4.41 -9.09 4.72
C6 NHC H . -4.11 -10.78 4.37
C6 NHC H . -4.27 -10.53 4.26
O1 NHC H . -2.70 -10.84 4.17
O1 NHC H . -2.88 -10.60 3.97
#